data_1Q1J
#
_entry.id   1Q1J
#
_cell.length_a   76.673
_cell.length_b   74.903
_cell.length_c   100.047
_cell.angle_alpha   90.00
_cell.angle_beta   100.57
_cell.angle_gamma   90.00
#
_symmetry.space_group_name_H-M   'P 1 21 1'
#
loop_
_entity.id
_entity.type
_entity.pdbx_description
1 polymer 'Fab 447-52D, light chain'
2 polymer 'Fab 447-52D, heavy chain'
3 polymer 'gp120 V3 peptide'
4 water water
#
loop_
_entity_poly.entity_id
_entity_poly.type
_entity_poly.pdbx_seq_one_letter_code
_entity_poly.pdbx_strand_id
1 'polypeptide(L)'
;QSVLTQPPSVSAAPGQKVTISCSGSSSNIGNNYVLWYQQFPGTAPKLLIYGNNKRPSGIPDRFSGSKSGTSATLGITGLQ
TGDEADYFCATWDSGLSADWVFGGGTKLTVLSQPKAAPSVTLFPPSSEELQANKATLVCLISDFYPGAVTVAWKADSSPV
KAGVETTTPSKQSNNKYAASSYLSLTPEQWKSHRSYSCQVTHEGSTVEKTVAPTE
;
L,M
2 'polypeptide(L)'
;EVQLVESGGGLVKPGGSLRLTCVASGFTFSDVWLNWVRQAPGKGLEWVGRIKSRTDGGTTDYAASVKGRFTISRDDSKNT
LYLQMNSLKTEDTAVYSCTTDGFIMIRGVSEDYYYYYMDVWGKGTTVTVSSASTKGPSVFPLAPCSRSTSGGTAALGCLV
KDYFPEPVTVSWNSGALTSGVHTFPAVLQSSGLYSLSSVVTVPSSSLGTQTYTCNVNHKPSNTKVDKRVEL
;
H,I
3 'polypeptide(L)' CKRIHIGPGRAFYTTC P,Q
#
# COMPACT_ATOMS: atom_id res chain seq x y z
N GLN A 1 24.52 -19.54 -8.90
CA GLN A 1 23.78 -20.07 -7.72
C GLN A 1 23.91 -21.60 -7.66
N SER A 2 24.99 -22.12 -8.22
CA SER A 2 25.20 -23.57 -8.25
C SER A 2 26.68 -23.87 -8.53
N VAL A 3 27.34 -24.58 -7.62
CA VAL A 3 28.77 -24.88 -7.81
C VAL A 3 29.06 -25.60 -9.12
N LEU A 4 28.31 -26.66 -9.39
CA LEU A 4 28.48 -27.43 -10.63
C LEU A 4 27.32 -27.01 -11.52
N THR A 5 27.55 -26.95 -12.83
CA THR A 5 26.48 -26.53 -13.74
C THR A 5 25.91 -27.60 -14.64
N GLN A 6 24.59 -27.73 -14.61
CA GLN A 6 23.86 -28.69 -15.46
C GLN A 6 22.74 -27.93 -16.16
N PRO A 7 22.28 -28.43 -17.30
CA PRO A 7 21.19 -27.71 -17.98
C PRO A 7 20.00 -27.83 -17.05
N PRO A 8 19.14 -26.80 -16.98
CA PRO A 8 17.99 -26.92 -16.08
C PRO A 8 16.95 -28.00 -16.41
N SER A 9 16.83 -28.37 -17.68
CA SER A 9 15.85 -29.39 -18.08
C SER A 9 16.18 -30.07 -19.39
N VAL A 10 15.58 -31.23 -19.59
CA VAL A 10 15.80 -32.02 -20.79
C VAL A 10 14.56 -32.88 -21.01
N SER A 11 14.19 -33.11 -22.26
CA SER A 11 13.00 -33.92 -22.55
C SER A 11 13.19 -34.89 -23.71
N ALA A 12 12.48 -36.01 -23.65
CA ALA A 12 12.56 -37.03 -24.70
C ALA A 12 11.40 -37.99 -24.52
N ALA A 13 11.07 -38.71 -25.59
CA ALA A 13 9.97 -39.67 -25.56
C ALA A 13 10.41 -41.02 -25.04
N PRO A 14 9.48 -41.79 -24.46
CA PRO A 14 9.83 -43.11 -23.94
C PRO A 14 10.51 -43.94 -25.02
N GLY A 15 11.53 -44.70 -24.61
CA GLY A 15 12.26 -45.53 -25.54
C GLY A 15 13.50 -44.83 -26.09
N GLN A 16 13.55 -43.51 -25.99
CA GLN A 16 14.70 -42.78 -26.49
C GLN A 16 15.84 -42.67 -25.50
N LYS A 17 16.94 -42.09 -25.98
CA LYS A 17 18.15 -41.91 -25.19
C LYS A 17 18.23 -40.47 -24.77
N VAL A 18 19.01 -40.18 -23.75
CA VAL A 18 19.15 -38.81 -23.29
C VAL A 18 20.42 -38.68 -22.49
N THR A 19 21.02 -37.50 -22.51
CA THR A 19 22.23 -37.26 -21.75
C THR A 19 22.15 -35.94 -21.04
N ILE A 20 22.71 -35.92 -19.84
CA ILE A 20 22.72 -34.75 -18.99
C ILE A 20 24.16 -34.44 -18.61
N SER A 21 24.60 -33.23 -18.94
CA SER A 21 25.96 -32.79 -18.65
C SER A 21 26.05 -32.11 -17.30
N CYS A 22 27.27 -32.04 -16.78
CA CYS A 22 27.54 -31.44 -15.48
C CYS A 22 28.94 -30.85 -15.56
N SER A 23 29.04 -29.54 -15.54
CA SER A 23 30.34 -28.87 -15.64
C SER A 23 30.85 -28.31 -14.33
N GLY A 24 32.16 -28.49 -14.10
CA GLY A 24 32.78 -27.99 -12.89
C GLY A 24 34.14 -27.36 -13.15
N SER A 25 35.05 -27.51 -12.19
CA SER A 25 36.40 -26.97 -12.30
C SER A 25 37.42 -27.98 -11.81
N SER A 26 38.69 -27.69 -12.08
CA SER A 26 39.76 -28.58 -11.67
C SER A 26 39.71 -28.88 -10.18
N SER A 27 39.28 -27.90 -9.41
CA SER A 27 39.20 -28.03 -7.98
C SER A 27 38.19 -29.09 -7.52
N ASN A 28 37.18 -29.36 -8.34
CA ASN A 28 36.17 -30.36 -7.98
C ASN A 28 36.07 -31.57 -8.91
N ILE A 29 35.28 -31.48 -9.98
CA ILE A 29 35.14 -32.61 -10.90
C ILE A 29 36.48 -33.07 -11.49
N GLY A 30 37.34 -32.13 -11.83
CA GLY A 30 38.62 -32.49 -12.40
C GLY A 30 39.43 -33.38 -11.49
N ASN A 31 39.52 -33.00 -10.22
CA ASN A 31 40.29 -33.76 -9.24
C ASN A 31 39.63 -34.99 -8.65
N ASN A 32 38.31 -35.01 -8.57
CA ASN A 32 37.66 -36.14 -7.92
C ASN A 32 36.64 -36.99 -8.68
N TYR A 33 35.92 -37.84 -7.96
CA TYR A 33 34.93 -38.71 -8.56
C TYR A 33 33.53 -38.12 -8.47
N VAL A 34 32.76 -38.32 -9.53
CA VAL A 34 31.42 -37.80 -9.62
C VAL A 34 30.35 -38.80 -9.23
N LEU A 35 29.30 -38.32 -8.57
CA LEU A 35 28.17 -39.16 -8.18
C LEU A 35 26.98 -38.54 -8.90
N TRP A 36 25.95 -39.34 -9.15
CA TRP A 36 24.73 -38.87 -9.79
C TRP A 36 23.54 -39.34 -8.96
N TYR A 37 22.60 -38.43 -8.75
CA TYR A 37 21.41 -38.72 -7.96
C TYR A 37 20.13 -38.54 -8.76
N GLN A 38 19.12 -39.32 -8.38
CA GLN A 38 17.81 -39.25 -8.99
C GLN A 38 16.86 -38.90 -7.85
N GLN A 39 15.98 -37.94 -8.09
CA GLN A 39 15.05 -37.57 -7.05
C GLN A 39 13.63 -37.40 -7.56
N PHE A 40 12.70 -37.98 -6.83
CA PHE A 40 11.30 -37.89 -7.16
C PHE A 40 10.65 -36.91 -6.18
N PRO A 41 9.62 -36.18 -6.65
CA PRO A 41 8.93 -35.21 -5.80
C PRO A 41 8.52 -35.80 -4.45
N GLY A 42 8.93 -35.15 -3.37
CA GLY A 42 8.56 -35.61 -2.06
C GLY A 42 9.30 -36.83 -1.51
N THR A 43 10.48 -37.12 -2.04
CA THR A 43 11.24 -38.25 -1.54
C THR A 43 12.72 -37.91 -1.49
N ALA A 44 13.51 -38.74 -0.82
CA ALA A 44 14.93 -38.50 -0.70
C ALA A 44 15.68 -38.88 -1.99
N PRO A 45 16.82 -38.21 -2.25
CA PRO A 45 17.61 -38.49 -3.45
C PRO A 45 18.08 -39.94 -3.41
N LYS A 46 18.07 -40.60 -4.56
CA LYS A 46 18.51 -41.97 -4.66
C LYS A 46 19.82 -42.03 -5.45
N LEU A 47 20.82 -42.72 -4.91
CA LEU A 47 22.10 -42.84 -5.60
C LEU A 47 21.94 -43.61 -6.91
N LEU A 48 22.39 -43.01 -8.01
CA LEU A 48 22.30 -43.60 -9.34
C LEU A 48 23.63 -44.10 -9.87
N ILE A 49 24.66 -43.29 -9.66
CA ILE A 49 26.00 -43.58 -10.12
C ILE A 49 27.04 -43.06 -9.13
N TYR A 50 28.16 -43.78 -9.03
CA TYR A 50 29.23 -43.36 -8.14
C TYR A 50 30.57 -43.71 -8.81
N GLY A 51 31.65 -43.13 -8.32
CA GLY A 51 32.95 -43.41 -8.89
C GLY A 51 33.00 -43.12 -10.37
N ASN A 52 32.26 -42.06 -10.75
CA ASN A 52 32.16 -41.58 -12.13
C ASN A 52 31.28 -42.40 -13.06
N ASN A 53 31.44 -43.72 -13.05
CA ASN A 53 30.68 -44.58 -13.95
C ASN A 53 30.11 -45.89 -13.38
N LYS A 54 30.09 -46.05 -12.06
CA LYS A 54 29.57 -47.27 -11.46
C LYS A 54 28.11 -47.19 -11.00
N ARG A 55 27.40 -48.31 -11.15
CA ARG A 55 25.98 -48.41 -10.79
C ARG A 55 25.75 -49.27 -9.56
N PRO A 56 24.98 -48.76 -8.58
CA PRO A 56 24.71 -49.52 -7.36
C PRO A 56 23.75 -50.63 -7.74
N SER A 57 23.82 -51.77 -7.04
CA SER A 57 22.92 -52.88 -7.34
C SER A 57 21.47 -52.39 -7.40
N GLY A 58 20.74 -52.83 -8.40
CA GLY A 58 19.36 -52.42 -8.55
C GLY A 58 19.23 -51.42 -9.69
N ILE A 59 20.29 -50.65 -9.95
CA ILE A 59 20.28 -49.68 -11.03
C ILE A 59 20.55 -50.41 -12.33
N PRO A 60 19.59 -50.40 -13.27
CA PRO A 60 19.73 -51.06 -14.57
C PRO A 60 20.79 -50.39 -15.43
N ASP A 61 21.41 -51.14 -16.32
CA ASP A 61 22.46 -50.57 -17.16
C ASP A 61 21.99 -49.55 -18.21
N ARG A 62 20.72 -49.16 -18.17
CA ARG A 62 20.23 -48.14 -19.10
C ARG A 62 20.85 -46.83 -18.62
N PHE A 63 21.34 -46.83 -17.38
CA PHE A 63 21.97 -45.66 -16.80
C PHE A 63 23.49 -45.80 -16.90
N SER A 64 24.15 -44.76 -17.38
CA SER A 64 25.61 -44.79 -17.50
C SER A 64 26.17 -43.43 -17.11
N GLY A 65 27.43 -43.41 -16.71
CA GLY A 65 28.05 -42.17 -16.33
C GLY A 65 29.46 -42.11 -16.87
N SER A 66 29.93 -40.91 -17.14
CA SER A 66 31.29 -40.72 -17.65
C SER A 66 31.80 -39.37 -17.19
N LYS A 67 33.12 -39.25 -17.10
CA LYS A 67 33.76 -38.02 -16.68
C LYS A 67 34.95 -37.76 -17.59
N SER A 68 35.05 -36.54 -18.09
CA SER A 68 36.14 -36.16 -18.98
C SER A 68 36.63 -34.78 -18.55
N GLY A 69 37.78 -34.73 -17.91
CA GLY A 69 38.33 -33.45 -17.48
C GLY A 69 37.56 -32.86 -16.31
N THR A 70 36.94 -31.71 -16.52
CA THR A 70 36.17 -31.05 -15.48
C THR A 70 34.68 -31.15 -15.77
N SER A 71 34.31 -32.11 -16.62
CA SER A 71 32.91 -32.32 -16.97
C SER A 71 32.50 -33.78 -16.78
N ALA A 72 31.24 -34.01 -16.43
CA ALA A 72 30.73 -35.35 -16.22
C ALA A 72 29.41 -35.44 -16.97
N THR A 73 29.00 -36.63 -17.36
CA THR A 73 27.75 -36.82 -18.08
C THR A 73 27.02 -38.05 -17.61
N LEU A 74 25.70 -37.99 -17.67
CA LEU A 74 24.86 -39.10 -17.30
C LEU A 74 24.03 -39.43 -18.52
N GLY A 75 23.96 -40.72 -18.84
CA GLY A 75 23.19 -41.13 -19.99
C GLY A 75 22.08 -42.05 -19.54
N ILE A 76 20.96 -42.05 -20.26
CA ILE A 76 19.85 -42.91 -19.93
C ILE A 76 19.32 -43.36 -21.28
N THR A 77 19.21 -44.67 -21.46
CA THR A 77 18.70 -45.20 -22.71
C THR A 77 17.38 -45.91 -22.42
N GLY A 78 16.58 -46.10 -23.46
CA GLY A 78 15.30 -46.77 -23.30
C GLY A 78 14.43 -46.10 -22.25
N LEU A 79 14.22 -44.80 -22.42
CA LEU A 79 13.43 -44.01 -21.48
C LEU A 79 12.06 -44.59 -21.15
N GLN A 80 11.70 -44.51 -19.89
CA GLN A 80 10.40 -44.96 -19.40
C GLN A 80 9.79 -43.80 -18.64
N THR A 81 8.47 -43.66 -18.71
CA THR A 81 7.80 -42.56 -18.03
C THR A 81 8.24 -42.51 -16.57
N GLY A 82 8.53 -43.70 -16.01
CA GLY A 82 8.97 -43.80 -14.63
C GLY A 82 10.32 -43.18 -14.34
N ASP A 83 11.05 -42.79 -15.39
CA ASP A 83 12.35 -42.16 -15.21
C ASP A 83 12.19 -40.65 -15.03
N GLU A 84 10.97 -40.14 -15.18
CA GLU A 84 10.73 -38.71 -15.03
C GLU A 84 11.02 -38.24 -13.60
N ALA A 85 12.07 -37.45 -13.44
CA ALA A 85 12.45 -36.94 -12.12
C ALA A 85 13.57 -35.94 -12.27
N ASP A 86 14.13 -35.55 -11.13
CA ASP A 86 15.27 -34.65 -11.14
C ASP A 86 16.56 -35.46 -10.99
N TYR A 87 17.60 -35.01 -11.68
CA TYR A 87 18.90 -35.64 -11.67
C TYR A 87 19.98 -34.62 -11.38
N PHE A 88 20.79 -34.86 -10.36
CA PHE A 88 21.87 -33.93 -10.06
C PHE A 88 23.18 -34.67 -9.81
N CYS A 89 24.28 -34.00 -10.16
CA CYS A 89 25.61 -34.58 -9.96
C CYS A 89 26.19 -34.01 -8.68
N ALA A 90 27.23 -34.65 -8.18
CA ALA A 90 27.89 -34.21 -6.96
C ALA A 90 29.33 -34.71 -6.92
N THR A 91 30.17 -34.02 -6.17
CA THR A 91 31.57 -34.40 -5.96
C THR A 91 31.94 -33.65 -4.70
N TRP A 92 33.23 -33.48 -4.50
CA TRP A 92 33.68 -32.73 -3.36
C TRP A 92 34.81 -31.85 -3.85
N ASP A 93 35.06 -30.77 -3.13
CA ASP A 93 36.09 -29.83 -3.48
C ASP A 93 37.38 -30.30 -2.84
N SER A 94 38.49 -30.21 -3.55
CA SER A 94 39.75 -30.65 -2.98
C SER A 94 40.39 -29.54 -2.13
N GLY A 95 39.55 -28.66 -1.61
CA GLY A 95 40.02 -27.60 -0.73
C GLY A 95 40.11 -28.11 0.70
N LEU A 96 40.50 -27.25 1.64
CA LEU A 96 40.65 -27.65 3.04
C LEU A 96 39.40 -28.14 3.76
N SER A 97 38.25 -27.54 3.51
CA SER A 97 37.03 -27.97 4.19
C SER A 97 36.37 -29.16 3.48
N ALA A 98 36.91 -29.53 2.33
CA ALA A 98 36.41 -30.68 1.57
C ALA A 98 34.90 -30.68 1.40
N ASP A 99 34.37 -29.57 0.90
CA ASP A 99 32.93 -29.42 0.70
C ASP A 99 32.34 -30.43 -0.28
N TRP A 100 31.13 -30.87 -0.01
CA TRP A 100 30.43 -31.71 -0.97
C TRP A 100 29.87 -30.59 -1.87
N VAL A 101 29.95 -30.72 -3.18
CA VAL A 101 29.41 -29.70 -4.08
C VAL A 101 28.34 -30.32 -4.96
N PHE A 102 27.32 -29.53 -5.33
CA PHE A 102 26.23 -30.06 -6.12
C PHE A 102 25.91 -29.28 -7.39
N GLY A 103 25.19 -29.92 -8.29
CA GLY A 103 24.76 -29.26 -9.50
C GLY A 103 23.37 -28.71 -9.20
N GLY A 104 22.87 -27.81 -10.06
CA GLY A 104 21.56 -27.22 -9.83
C GLY A 104 20.42 -28.17 -10.09
N GLY A 105 20.74 -29.34 -10.63
CA GLY A 105 19.72 -30.33 -10.94
C GLY A 105 19.09 -30.25 -12.32
N THR A 106 18.76 -31.44 -12.86
CA THR A 106 18.13 -31.51 -14.18
C THR A 106 16.81 -32.26 -14.15
N LYS A 107 15.75 -31.57 -14.53
CA LYS A 107 14.44 -32.19 -14.56
C LYS A 107 14.28 -32.94 -15.88
N LEU A 108 14.09 -34.24 -15.80
CA LEU A 108 13.91 -35.04 -17.00
C LEU A 108 12.42 -35.28 -17.18
N THR A 109 11.90 -34.88 -18.32
CA THR A 109 10.49 -35.10 -18.62
C THR A 109 10.39 -36.21 -19.66
N VAL A 110 9.57 -37.21 -19.40
CA VAL A 110 9.38 -38.30 -20.33
C VAL A 110 8.04 -38.02 -21.00
N LEU A 111 8.12 -37.43 -22.19
CA LEU A 111 6.94 -37.03 -22.96
C LEU A 111 5.80 -38.03 -22.88
N SER A 112 4.71 -37.59 -22.26
CA SER A 112 3.53 -38.42 -22.09
C SER A 112 2.32 -37.75 -22.72
N GLN A 113 2.58 -36.68 -23.48
CA GLN A 113 1.54 -35.95 -24.16
C GLN A 113 2.20 -35.01 -25.16
N PRO A 114 1.43 -34.49 -26.13
CA PRO A 114 2.01 -33.58 -27.13
C PRO A 114 2.50 -32.28 -26.49
N LYS A 115 3.64 -31.79 -26.96
CA LYS A 115 4.21 -30.55 -26.44
C LYS A 115 3.23 -29.39 -26.61
N ALA A 116 3.13 -28.57 -25.57
CA ALA A 116 2.21 -27.43 -25.61
C ALA A 116 2.91 -26.09 -25.43
N ALA A 117 2.62 -25.15 -26.31
CA ALA A 117 3.20 -23.82 -26.20
C ALA A 117 2.50 -23.13 -25.02
N PRO A 118 3.19 -22.20 -24.34
CA PRO A 118 2.58 -21.51 -23.21
C PRO A 118 1.69 -20.34 -23.58
N SER A 119 0.71 -20.09 -22.72
CA SER A 119 -0.19 -18.96 -22.87
C SER A 119 0.44 -17.88 -22.00
N VAL A 120 0.51 -16.67 -22.53
CA VAL A 120 1.10 -15.56 -21.79
C VAL A 120 0.16 -14.35 -21.71
N THR A 121 -0.03 -13.85 -20.51
CA THR A 121 -0.86 -12.67 -20.31
C THR A 121 -0.01 -11.65 -19.55
N LEU A 122 0.06 -10.43 -20.10
CA LEU A 122 0.82 -9.37 -19.48
C LEU A 122 -0.09 -8.21 -19.06
N PHE A 123 -0.12 -7.95 -17.77
CA PHE A 123 -0.93 -6.88 -17.23
C PHE A 123 -0.03 -5.73 -16.84
N PRO A 124 -0.44 -4.49 -17.15
CA PRO A 124 0.34 -3.30 -16.82
C PRO A 124 -0.03 -2.95 -15.37
N PRO A 125 0.68 -2.01 -14.74
CA PRO A 125 0.34 -1.64 -13.36
C PRO A 125 -1.08 -1.07 -13.29
N SER A 126 -1.85 -1.42 -12.27
CA SER A 126 -3.20 -0.89 -12.14
C SER A 126 -3.07 0.57 -11.71
N SER A 127 -4.11 1.34 -12.01
CA SER A 127 -4.13 2.74 -11.65
C SER A 127 -4.09 2.91 -10.13
N GLU A 128 -4.70 1.97 -9.40
CA GLU A 128 -4.73 2.02 -7.94
C GLU A 128 -3.33 1.81 -7.35
N GLU A 129 -2.56 0.92 -7.96
CA GLU A 129 -1.21 0.68 -7.48
C GLU A 129 -0.33 1.92 -7.68
N LEU A 130 -0.40 2.55 -8.86
CA LEU A 130 0.39 3.74 -9.15
C LEU A 130 0.18 4.85 -8.11
N GLN A 131 -1.07 5.05 -7.68
CA GLN A 131 -1.36 6.08 -6.70
C GLN A 131 -0.81 5.70 -5.33
N ALA A 132 -0.30 4.47 -5.21
CA ALA A 132 0.29 3.98 -3.97
C ALA A 132 1.80 4.10 -4.11
N ASN A 133 2.21 4.80 -5.16
CA ASN A 133 3.62 5.05 -5.44
C ASN A 133 4.40 3.78 -5.81
N LYS A 134 3.70 2.83 -6.42
CA LYS A 134 4.28 1.55 -6.84
C LYS A 134 3.77 1.17 -8.23
N ALA A 135 4.50 0.30 -8.92
CA ALA A 135 4.13 -0.17 -10.26
C ALA A 135 4.70 -1.57 -10.49
N THR A 136 3.82 -2.54 -10.72
CA THR A 136 4.25 -3.92 -10.97
C THR A 136 3.64 -4.43 -12.26
N LEU A 137 4.48 -5.01 -13.11
CA LEU A 137 3.98 -5.61 -14.34
C LEU A 137 3.86 -7.08 -14.00
N VAL A 138 2.76 -7.69 -14.40
CA VAL A 138 2.52 -9.10 -14.12
C VAL A 138 2.47 -9.93 -15.40
N CYS A 139 3.36 -10.92 -15.49
CA CYS A 139 3.41 -11.79 -16.64
C CYS A 139 3.00 -13.18 -16.17
N LEU A 140 1.87 -13.66 -16.67
CA LEU A 140 1.36 -14.97 -16.29
C LEU A 140 1.57 -15.94 -17.45
N ILE A 141 2.19 -17.07 -17.13
CA ILE A 141 2.52 -18.09 -18.10
C ILE A 141 1.87 -19.43 -17.73
N SER A 142 0.96 -19.92 -18.56
CA SER A 142 0.30 -21.18 -18.25
C SER A 142 0.10 -22.17 -19.40
N ASP A 143 -0.35 -23.37 -19.04
CA ASP A 143 -0.63 -24.47 -19.95
C ASP A 143 0.50 -24.92 -20.88
N PHE A 144 1.76 -24.85 -20.43
CA PHE A 144 2.85 -25.31 -21.29
C PHE A 144 3.40 -26.68 -20.88
N TYR A 145 3.95 -27.39 -21.85
CA TYR A 145 4.51 -28.73 -21.63
C TYR A 145 5.61 -29.03 -22.66
N PRO A 146 6.77 -29.55 -22.20
CA PRO A 146 7.12 -29.88 -20.81
C PRO A 146 7.24 -28.64 -19.93
N GLY A 147 7.48 -28.85 -18.63
CA GLY A 147 7.53 -27.74 -17.69
C GLY A 147 8.75 -26.88 -17.48
N ALA A 148 9.29 -26.29 -18.55
CA ALA A 148 10.46 -25.44 -18.38
C ALA A 148 10.40 -24.24 -19.32
N VAL A 149 10.69 -23.06 -18.79
CA VAL A 149 10.67 -21.84 -19.60
C VAL A 149 11.75 -20.86 -19.16
N THR A 150 11.95 -19.86 -20.01
CA THR A 150 12.90 -18.80 -19.75
C THR A 150 12.12 -17.50 -19.94
N VAL A 151 12.27 -16.57 -19.00
CA VAL A 151 11.56 -15.31 -19.10
C VAL A 151 12.48 -14.10 -19.13
N ALA A 152 12.31 -13.26 -20.15
CA ALA A 152 13.11 -12.06 -20.32
C ALA A 152 12.24 -10.82 -20.47
N TRP A 153 12.59 -9.75 -19.77
CA TRP A 153 11.82 -8.51 -19.87
C TRP A 153 12.59 -7.48 -20.68
N LYS A 154 11.85 -6.60 -21.35
CA LYS A 154 12.46 -5.58 -22.18
C LYS A 154 11.86 -4.21 -21.90
N ALA A 155 12.72 -3.21 -21.80
CA ALA A 155 12.28 -1.83 -21.60
C ALA A 155 12.53 -1.22 -23.00
N ASP A 156 11.44 -0.93 -23.72
CA ASP A 156 11.51 -0.40 -25.08
C ASP A 156 12.09 -1.46 -26.01
N SER A 157 13.35 -1.79 -25.79
CA SER A 157 14.04 -2.80 -26.58
C SER A 157 15.26 -3.28 -25.82
N SER A 158 15.63 -2.52 -24.78
CA SER A 158 16.77 -2.87 -23.95
C SER A 158 16.40 -3.96 -22.95
N PRO A 159 17.29 -4.95 -22.74
CA PRO A 159 16.95 -5.99 -21.78
C PRO A 159 16.85 -5.36 -20.40
N VAL A 160 16.04 -5.94 -19.54
CA VAL A 160 15.86 -5.46 -18.18
C VAL A 160 16.06 -6.62 -17.21
N LYS A 161 16.95 -6.44 -16.24
CA LYS A 161 17.17 -7.50 -15.27
C LYS A 161 16.81 -7.05 -13.86
N ALA A 162 17.00 -5.76 -13.59
CA ALA A 162 16.70 -5.19 -12.29
C ALA A 162 15.19 -5.15 -11.99
N GLY A 163 14.81 -5.69 -10.84
CA GLY A 163 13.42 -5.70 -10.44
C GLY A 163 12.59 -6.88 -10.90
N VAL A 164 13.25 -7.94 -11.37
CA VAL A 164 12.54 -9.12 -11.84
C VAL A 164 12.51 -10.26 -10.84
N GLU A 165 11.34 -10.86 -10.70
CA GLU A 165 11.11 -11.99 -9.81
C GLU A 165 10.24 -12.99 -10.57
N THR A 166 10.78 -14.18 -10.80
CA THR A 166 10.07 -15.20 -11.53
C THR A 166 9.95 -16.47 -10.68
N THR A 167 8.76 -17.05 -10.62
CA THR A 167 8.54 -18.27 -9.86
C THR A 167 8.98 -19.45 -10.72
N THR A 168 9.28 -20.57 -10.08
CA THR A 168 9.68 -21.78 -10.80
C THR A 168 8.42 -22.41 -11.41
N PRO A 169 8.57 -23.17 -12.50
CA PRO A 169 7.39 -23.78 -13.11
C PRO A 169 6.62 -24.60 -12.08
N SER A 170 5.31 -24.64 -12.22
CA SER A 170 4.47 -25.37 -11.29
C SER A 170 3.50 -26.25 -12.06
N LYS A 171 3.20 -27.43 -11.51
CA LYS A 171 2.31 -28.37 -12.15
C LYS A 171 0.84 -28.04 -11.96
N GLN A 172 0.10 -27.93 -13.06
CA GLN A 172 -1.33 -27.63 -12.99
C GLN A 172 -2.16 -28.91 -12.83
N SER A 173 -3.45 -28.72 -12.57
CA SER A 173 -4.37 -29.84 -12.42
C SER A 173 -4.41 -30.72 -13.67
N ASN A 174 -4.32 -30.10 -14.85
CA ASN A 174 -4.36 -30.84 -16.11
C ASN A 174 -3.00 -31.35 -16.59
N ASN A 175 -2.04 -31.41 -15.66
CA ASN A 175 -0.68 -31.88 -15.94
C ASN A 175 0.22 -30.97 -16.79
N LYS A 176 -0.26 -29.79 -17.16
CA LYS A 176 0.59 -28.87 -17.91
C LYS A 176 1.26 -27.97 -16.86
N TYR A 177 2.07 -27.01 -17.29
CA TYR A 177 2.75 -26.15 -16.32
C TYR A 177 2.43 -24.67 -16.32
N ALA A 178 2.64 -24.03 -15.17
CA ALA A 178 2.39 -22.60 -14.99
C ALA A 178 3.56 -21.91 -14.32
N ALA A 179 3.64 -20.59 -14.47
CA ALA A 179 4.72 -19.79 -13.87
C ALA A 179 4.39 -18.31 -13.93
N SER A 180 4.96 -17.53 -13.01
CA SER A 180 4.72 -16.10 -12.97
C SER A 180 6.02 -15.34 -12.99
N SER A 181 5.97 -14.12 -13.52
CA SER A 181 7.14 -13.26 -13.51
C SER A 181 6.64 -11.84 -13.23
N TYR A 182 7.32 -11.16 -12.32
CA TYR A 182 6.93 -9.81 -11.97
C TYR A 182 8.08 -8.86 -12.20
N LEU A 183 7.75 -7.62 -12.57
CA LEU A 183 8.76 -6.60 -12.82
C LEU A 183 8.37 -5.37 -12.00
N SER A 184 9.17 -5.06 -10.99
CA SER A 184 8.92 -3.90 -10.15
C SER A 184 9.50 -2.65 -10.77
N LEU A 185 8.69 -1.60 -10.83
CA LEU A 185 9.10 -0.33 -11.40
C LEU A 185 8.68 0.80 -10.48
N THR A 186 9.07 2.00 -10.85
CA THR A 186 8.69 3.19 -10.11
C THR A 186 7.65 3.81 -11.04
N PRO A 187 6.63 4.47 -10.48
CA PRO A 187 5.61 5.09 -11.34
C PRO A 187 6.30 5.87 -12.45
N GLU A 188 7.39 6.54 -12.09
CA GLU A 188 8.18 7.32 -13.03
C GLU A 188 8.68 6.48 -14.19
N GLN A 189 9.43 5.42 -13.88
CA GLN A 189 9.97 4.54 -14.91
C GLN A 189 8.89 4.05 -15.85
N TRP A 190 7.81 3.51 -15.30
CA TRP A 190 6.71 2.99 -16.10
C TRP A 190 6.26 3.97 -17.17
N LYS A 191 6.24 5.26 -16.82
CA LYS A 191 5.82 6.28 -17.77
C LYS A 191 6.97 6.74 -18.67
N SER A 192 8.19 6.51 -18.20
CA SER A 192 9.41 6.90 -18.92
C SER A 192 9.71 6.18 -20.24
N HIS A 193 9.10 5.03 -20.49
CA HIS A 193 9.38 4.31 -21.72
C HIS A 193 8.15 4.11 -22.57
N ARG A 194 8.38 3.89 -23.87
CA ARG A 194 7.31 3.67 -24.83
C ARG A 194 6.54 2.38 -24.52
N SER A 195 7.27 1.36 -24.09
CA SER A 195 6.64 0.08 -23.77
C SER A 195 7.52 -0.83 -22.93
N TYR A 196 6.94 -1.95 -22.53
CA TYR A 196 7.61 -2.99 -21.75
C TYR A 196 7.14 -4.31 -22.32
N SER A 197 8.03 -5.30 -22.35
CA SER A 197 7.65 -6.59 -22.90
C SER A 197 8.11 -7.77 -22.06
N CYS A 198 7.34 -8.84 -22.14
CA CYS A 198 7.64 -10.06 -21.43
C CYS A 198 7.75 -11.15 -22.49
N GLN A 199 8.95 -11.67 -22.69
CA GLN A 199 9.14 -12.72 -23.68
C GLN A 199 9.55 -14.01 -22.99
N VAL A 200 8.75 -15.04 -23.22
CA VAL A 200 8.94 -16.36 -22.65
C VAL A 200 9.43 -17.33 -23.71
N THR A 201 10.53 -18.02 -23.40
CA THR A 201 11.07 -18.99 -24.32
C THR A 201 10.76 -20.40 -23.83
N HIS A 202 10.25 -21.20 -24.75
CA HIS A 202 9.88 -22.57 -24.46
C HIS A 202 10.13 -23.42 -25.68
N GLU A 203 10.97 -24.44 -25.52
CA GLU A 203 11.31 -25.35 -26.61
C GLU A 203 11.70 -24.58 -27.86
N GLY A 204 12.65 -23.65 -27.72
CA GLY A 204 13.09 -22.86 -28.86
C GLY A 204 12.17 -21.70 -29.20
N SER A 205 10.88 -22.00 -29.41
CA SER A 205 9.91 -20.97 -29.75
C SER A 205 9.73 -19.94 -28.64
N THR A 206 9.68 -18.67 -29.01
CA THR A 206 9.53 -17.60 -28.04
C THR A 206 8.25 -16.79 -28.23
N VAL A 207 7.48 -16.65 -27.17
CA VAL A 207 6.25 -15.86 -27.20
C VAL A 207 6.60 -14.52 -26.60
N GLU A 208 5.92 -13.47 -27.02
CA GLU A 208 6.22 -12.15 -26.51
C GLU A 208 4.96 -11.30 -26.42
N LYS A 209 4.77 -10.67 -25.27
CA LYS A 209 3.62 -9.82 -25.02
C LYS A 209 4.13 -8.43 -24.65
N THR A 210 3.38 -7.39 -25.00
CA THR A 210 3.78 -6.02 -24.72
C THR A 210 2.68 -5.15 -24.13
N VAL A 211 3.10 -4.13 -23.37
CA VAL A 211 2.19 -3.19 -22.76
C VAL A 211 2.79 -1.79 -22.87
N ALA A 212 1.94 -0.80 -23.09
CA ALA A 212 2.39 0.58 -23.23
C ALA A 212 1.55 1.53 -22.38
N PRO A 213 2.21 2.37 -21.58
CA PRO A 213 1.55 3.34 -20.71
C PRO A 213 0.52 4.19 -21.44
N THR A 214 0.66 4.28 -22.77
CA THR A 214 -0.23 5.07 -23.61
C THR A 214 -1.69 5.04 -23.16
N GLU A 215 -2.16 3.87 -22.72
CA GLU A 215 -3.53 3.77 -22.24
C GLU A 215 -3.56 3.12 -20.86
N GLU B 1 14.95 -49.73 7.90
CA GLU B 1 14.13 -48.62 8.37
C GLU B 1 15.00 -47.52 8.99
N VAL B 2 15.58 -46.71 8.13
CA VAL B 2 16.44 -45.61 8.54
C VAL B 2 15.80 -44.27 8.24
N GLN B 3 15.99 -43.31 9.15
CA GLN B 3 15.44 -41.99 8.95
C GLN B 3 16.16 -40.95 9.79
N LEU B 4 15.97 -39.68 9.42
CA LEU B 4 16.58 -38.55 10.10
C LEU B 4 15.49 -37.49 10.22
N VAL B 5 15.17 -37.12 11.44
CA VAL B 5 14.12 -36.14 11.66
C VAL B 5 14.68 -34.89 12.34
N GLU B 6 14.66 -33.78 11.61
CA GLU B 6 15.18 -32.55 12.16
C GLU B 6 14.06 -31.63 12.60
N SER B 7 14.39 -30.67 13.45
CA SER B 7 13.42 -29.72 13.94
C SER B 7 14.16 -28.49 14.46
N GLY B 8 13.41 -27.48 14.87
CA GLY B 8 14.02 -26.27 15.40
C GLY B 8 13.92 -25.10 14.46
N GLY B 9 13.45 -25.35 13.24
CA GLY B 9 13.33 -24.29 12.27
C GLY B 9 12.28 -23.29 12.67
N GLY B 10 12.37 -22.09 12.10
CA GLY B 10 11.39 -21.06 12.40
C GLY B 10 11.81 -19.74 11.82
N LEU B 11 11.16 -18.67 12.29
CA LEU B 11 11.47 -17.32 11.84
C LEU B 11 12.43 -16.65 12.84
N VAL B 12 13.48 -16.04 12.31
CA VAL B 12 14.45 -15.36 13.17
C VAL B 12 14.81 -14.02 12.54
N LYS B 13 15.04 -13.02 13.38
CA LYS B 13 15.40 -11.69 12.89
C LYS B 13 16.86 -11.74 12.45
N PRO B 14 17.26 -10.85 11.53
CA PRO B 14 18.67 -10.88 11.13
C PRO B 14 19.54 -10.62 12.36
N GLY B 15 20.60 -11.39 12.53
CA GLY B 15 21.47 -11.22 13.67
C GLY B 15 21.17 -12.19 14.80
N GLY B 16 19.95 -12.73 14.82
CA GLY B 16 19.56 -13.66 15.86
C GLY B 16 20.22 -15.02 15.84
N SER B 17 19.74 -15.91 16.69
CA SER B 17 20.28 -17.27 16.81
C SER B 17 19.21 -18.33 16.64
N LEU B 18 19.65 -19.54 16.32
CA LEU B 18 18.74 -20.64 16.12
C LEU B 18 19.54 -21.91 16.32
N ARG B 19 18.91 -22.92 16.90
CA ARG B 19 19.56 -24.19 17.16
C ARG B 19 18.72 -25.28 16.53
N LEU B 20 19.27 -25.95 15.53
CA LEU B 20 18.53 -27.03 14.88
C LEU B 20 19.01 -28.34 15.46
N THR B 21 18.12 -29.32 15.56
CA THR B 21 18.51 -30.62 16.07
C THR B 21 18.04 -31.66 15.07
N CYS B 22 18.76 -32.78 15.01
CA CYS B 22 18.42 -33.86 14.10
C CYS B 22 18.56 -35.19 14.86
N VAL B 23 17.50 -35.97 14.86
CA VAL B 23 17.50 -37.26 15.55
C VAL B 23 17.50 -38.38 14.53
N ALA B 24 18.36 -39.36 14.73
CA ALA B 24 18.45 -40.47 13.81
C ALA B 24 17.93 -41.77 14.41
N SER B 25 17.59 -42.71 13.55
CA SER B 25 17.08 -44.02 13.97
C SER B 25 17.24 -45.04 12.86
N GLY B 26 17.50 -46.28 13.25
CA GLY B 26 17.66 -47.36 12.28
C GLY B 26 19.07 -47.81 11.96
N PHE B 27 20.07 -47.22 12.61
CA PHE B 27 21.46 -47.60 12.37
C PHE B 27 22.35 -47.13 13.51
N THR B 28 23.59 -47.61 13.54
CA THR B 28 24.53 -47.23 14.58
C THR B 28 25.04 -45.82 14.34
N PHE B 29 24.37 -44.85 14.93
CA PHE B 29 24.68 -43.44 14.80
C PHE B 29 26.15 -43.04 15.00
N SER B 30 26.79 -43.53 16.06
CA SER B 30 28.18 -43.19 16.35
C SER B 30 29.18 -43.50 15.23
N ASP B 31 28.86 -44.45 14.36
CA ASP B 31 29.79 -44.81 13.31
C ASP B 31 29.75 -44.00 12.02
N VAL B 32 28.72 -43.18 11.85
CA VAL B 32 28.65 -42.41 10.63
C VAL B 32 29.06 -40.95 10.74
N TRP B 33 29.42 -40.41 9.60
CA TRP B 33 29.79 -39.01 9.48
C TRP B 33 28.47 -38.33 9.17
N LEU B 34 28.26 -37.14 9.70
CA LEU B 34 27.03 -36.41 9.47
C LEU B 34 27.28 -35.08 8.76
N ASN B 35 26.33 -34.70 7.91
CA ASN B 35 26.43 -33.46 7.16
C ASN B 35 25.18 -32.63 7.36
N TRP B 36 25.35 -31.33 7.23
CA TRP B 36 24.20 -30.43 7.27
C TRP B 36 24.21 -29.82 5.87
N VAL B 37 23.07 -29.82 5.20
CA VAL B 37 23.00 -29.22 3.87
C VAL B 37 21.81 -28.27 3.89
N ARG B 38 21.77 -27.38 2.93
CA ARG B 38 20.68 -26.45 2.87
C ARG B 38 20.37 -26.07 1.44
N GLN B 39 19.10 -25.76 1.21
CA GLN B 39 18.67 -25.38 -0.10
C GLN B 39 17.71 -24.22 0.04
N ALA B 40 18.17 -23.05 -0.38
CA ALA B 40 17.37 -21.85 -0.33
C ALA B 40 16.38 -21.91 -1.50
N PRO B 41 15.29 -21.13 -1.43
CA PRO B 41 14.29 -21.12 -2.52
C PRO B 41 14.96 -20.77 -3.86
N GLY B 42 14.71 -21.61 -4.86
CA GLY B 42 15.30 -21.36 -6.17
C GLY B 42 16.72 -21.85 -6.39
N LYS B 43 17.62 -21.61 -5.41
CA LYS B 43 19.02 -22.03 -5.53
C LYS B 43 19.21 -23.54 -5.48
N GLY B 44 20.46 -23.96 -5.58
CA GLY B 44 20.78 -25.38 -5.51
C GLY B 44 21.33 -25.76 -4.15
N LEU B 45 21.41 -27.07 -3.91
CA LEU B 45 21.92 -27.58 -2.65
C LEU B 45 23.31 -27.06 -2.29
N GLU B 46 23.48 -26.68 -1.03
CA GLU B 46 24.77 -26.20 -0.56
C GLU B 46 25.17 -26.97 0.70
N TRP B 47 26.38 -27.49 0.73
CA TRP B 47 26.87 -28.21 1.88
C TRP B 47 27.28 -27.18 2.95
N VAL B 48 26.80 -27.38 4.17
CA VAL B 48 27.08 -26.46 5.26
C VAL B 48 28.26 -26.91 6.10
N GLY B 49 28.33 -28.21 6.34
CA GLY B 49 29.43 -28.72 7.13
C GLY B 49 29.21 -30.15 7.55
N ARG B 50 30.18 -30.68 8.29
CA ARG B 50 30.07 -32.04 8.74
C ARG B 50 30.78 -32.26 10.05
N ILE B 51 30.48 -33.38 10.68
CA ILE B 51 31.14 -33.73 11.90
C ILE B 51 31.48 -35.20 11.70
N LYS B 52 32.76 -35.51 11.82
CA LYS B 52 33.22 -36.88 11.64
C LYS B 52 32.84 -37.74 12.85
N SER B 53 32.99 -39.04 12.69
CA SER B 53 32.68 -39.94 13.79
C SER B 53 33.77 -39.78 14.86
N ARG B 54 33.45 -40.20 16.08
CA ARG B 54 34.41 -40.10 17.18
C ARG B 54 35.66 -40.91 16.85
N THR B 55 35.47 -42.03 16.14
CA THR B 55 36.57 -42.89 15.76
C THR B 55 37.53 -42.18 14.81
N ASP B 56 36.99 -41.22 14.05
CA ASP B 56 37.80 -40.46 13.10
C ASP B 56 38.20 -39.08 13.60
N GLY B 57 38.13 -38.90 14.92
CA GLY B 57 38.53 -37.63 15.50
C GLY B 57 37.42 -36.68 15.90
N GLY B 58 36.19 -36.94 15.44
CA GLY B 58 35.07 -36.07 15.78
C GLY B 58 35.25 -34.62 15.35
N THR B 59 36.17 -34.36 14.43
CA THR B 59 36.38 -33.00 13.98
C THR B 59 35.29 -32.50 13.02
N THR B 60 35.19 -31.18 12.92
CA THR B 60 34.17 -30.58 12.08
C THR B 60 34.74 -29.72 10.95
N ASP B 61 34.04 -29.68 9.83
CA ASP B 61 34.44 -28.89 8.68
C ASP B 61 33.28 -27.93 8.37
N TYR B 62 33.60 -26.73 7.90
CA TYR B 62 32.54 -25.78 7.58
C TYR B 62 32.74 -25.11 6.26
N ALA B 63 31.64 -24.88 5.55
CA ALA B 63 31.71 -24.19 4.28
C ALA B 63 32.22 -22.75 4.59
N ALA B 64 32.98 -22.18 3.66
CA ALA B 64 33.50 -20.83 3.84
C ALA B 64 32.41 -19.82 4.14
N SER B 65 31.20 -20.06 3.63
CA SER B 65 30.09 -19.15 3.84
C SER B 65 29.47 -19.13 5.24
N VAL B 66 29.83 -20.09 6.10
CA VAL B 66 29.27 -20.14 7.44
C VAL B 66 30.30 -20.30 8.56
N LYS B 67 31.58 -20.39 8.22
CA LYS B 67 32.60 -20.57 9.24
C LYS B 67 32.67 -19.38 10.18
N GLY B 68 32.74 -19.66 11.48
CA GLY B 68 32.78 -18.59 12.46
C GLY B 68 31.43 -18.31 13.09
N ARG B 69 30.36 -18.54 12.33
CA ARG B 69 29.02 -18.30 12.82
C ARG B 69 28.24 -19.58 13.15
N PHE B 70 28.55 -20.67 12.47
CA PHE B 70 27.83 -21.95 12.68
C PHE B 70 28.69 -22.95 13.44
N THR B 71 28.06 -23.82 14.20
CA THR B 71 28.79 -24.84 14.95
C THR B 71 28.03 -26.14 14.93
N ILE B 72 28.71 -27.22 14.57
CA ILE B 72 28.06 -28.52 14.54
C ILE B 72 28.61 -29.36 15.68
N SER B 73 27.78 -30.24 16.23
CA SER B 73 28.20 -31.10 17.33
C SER B 73 27.28 -32.32 17.36
N ARG B 74 27.70 -33.36 18.04
CA ARG B 74 26.89 -34.56 18.09
C ARG B 74 26.83 -35.11 19.50
N ASP B 75 25.74 -35.82 19.76
CA ASP B 75 25.55 -36.44 21.05
C ASP B 75 25.17 -37.87 20.71
N ASP B 76 26.19 -38.70 20.47
CA ASP B 76 25.97 -40.10 20.12
C ASP B 76 25.09 -40.78 21.16
N SER B 77 25.15 -40.26 22.38
CA SER B 77 24.38 -40.77 23.50
C SER B 77 22.87 -40.86 23.20
N LYS B 78 22.37 -39.95 22.38
CA LYS B 78 20.96 -39.97 22.05
C LYS B 78 20.65 -39.77 20.57
N ASN B 79 21.54 -40.27 19.71
CA ASN B 79 21.37 -40.20 18.26
C ASN B 79 20.96 -38.80 17.81
N THR B 80 21.69 -37.79 18.28
CA THR B 80 21.34 -36.43 17.92
C THR B 80 22.47 -35.59 17.36
N LEU B 81 22.14 -34.87 16.30
CA LEU B 81 23.07 -33.98 15.60
C LEU B 81 22.57 -32.57 15.84
N TYR B 82 23.50 -31.65 16.09
CA TYR B 82 23.13 -30.25 16.37
C TYR B 82 23.76 -29.25 15.43
N LEU B 83 23.03 -28.17 15.19
CA LEU B 83 23.51 -27.09 14.36
C LEU B 83 23.16 -25.77 15.05
N GLN B 84 24.16 -25.14 15.65
CA GLN B 84 23.96 -23.86 16.33
C GLN B 84 24.29 -22.73 15.35
N MET B 85 23.31 -21.89 15.04
CA MET B 85 23.51 -20.80 14.09
C MET B 85 23.50 -19.43 14.78
N ASN B 86 24.59 -18.68 14.63
CA ASN B 86 24.68 -17.37 15.26
C ASN B 86 24.90 -16.32 14.19
N SER B 87 24.60 -15.07 14.51
CA SER B 87 24.77 -13.98 13.56
C SER B 87 24.13 -14.32 12.22
N LEU B 88 22.89 -14.80 12.26
CA LEU B 88 22.19 -15.15 11.04
C LEU B 88 21.99 -13.98 10.08
N LYS B 89 22.15 -14.25 8.80
CA LYS B 89 21.96 -13.24 7.76
C LYS B 89 20.78 -13.70 6.92
N THR B 90 20.05 -12.76 6.30
CA THR B 90 18.92 -13.12 5.46
C THR B 90 19.33 -14.15 4.41
N GLU B 91 20.59 -14.09 4.00
CA GLU B 91 21.09 -15.03 2.99
C GLU B 91 21.24 -16.46 3.53
N ASP B 92 21.02 -16.65 4.84
CA ASP B 92 21.09 -17.99 5.44
C ASP B 92 19.70 -18.64 5.36
N THR B 93 18.71 -17.89 4.89
CA THR B 93 17.35 -18.41 4.78
C THR B 93 17.32 -19.61 3.87
N ALA B 94 16.84 -20.74 4.38
CA ALA B 94 16.78 -21.96 3.58
C ALA B 94 16.23 -23.16 4.33
N VAL B 95 16.01 -24.25 3.60
CA VAL B 95 15.55 -25.49 4.19
C VAL B 95 16.83 -26.21 4.60
N TYR B 96 16.92 -26.57 5.87
CA TYR B 96 18.10 -27.27 6.39
C TYR B 96 17.77 -28.73 6.63
N SER B 97 18.65 -29.61 6.18
CA SER B 97 18.44 -31.03 6.39
C SER B 97 19.75 -31.70 6.73
N CYS B 98 19.68 -32.81 7.48
CA CYS B 98 20.88 -33.55 7.85
C CYS B 98 20.96 -34.74 6.91
N THR B 99 22.18 -35.19 6.65
CA THR B 99 22.42 -36.35 5.81
C THR B 99 23.61 -37.11 6.41
N THR B 100 23.69 -38.39 6.10
CA THR B 100 24.79 -39.20 6.60
C THR B 100 25.66 -39.54 5.39
N ASP B 101 26.94 -39.77 5.62
CA ASP B 101 27.82 -40.18 4.53
C ASP B 101 27.74 -41.70 4.56
N GLY B 102 27.20 -42.28 3.50
CA GLY B 102 27.11 -43.71 3.42
C GLY B 102 28.17 -44.19 2.45
N PHE B 103 28.10 -45.44 2.04
CA PHE B 103 29.10 -45.95 1.11
C PHE B 103 28.68 -47.22 0.38
N ILE B 104 29.20 -47.36 -0.83
CA ILE B 104 28.99 -48.56 -1.63
C ILE B 104 30.37 -49.20 -1.59
N MET B 105 30.44 -50.45 -1.16
CA MET B 105 31.73 -51.13 -1.09
C MET B 105 31.91 -52.12 -2.24
N ILE B 106 33.08 -52.07 -2.86
CA ILE B 106 33.42 -52.95 -3.97
C ILE B 106 34.74 -53.66 -3.67
N ARG B 107 34.74 -54.98 -3.86
CA ARG B 107 35.96 -55.77 -3.63
C ARG B 107 36.73 -55.95 -4.93
N GLY B 108 37.88 -55.28 -5.02
CA GLY B 108 38.70 -55.39 -6.20
C GLY B 108 39.56 -56.64 -6.11
N VAL B 109 40.47 -56.82 -7.06
CA VAL B 109 41.31 -57.99 -7.03
C VAL B 109 42.22 -58.02 -5.81
N SER B 110 42.91 -56.90 -5.55
CA SER B 110 43.82 -56.82 -4.42
C SER B 110 43.36 -55.88 -3.31
N GLU B 111 42.53 -54.90 -3.65
CA GLU B 111 42.07 -53.94 -2.65
C GLU B 111 40.55 -53.91 -2.50
N ASP B 112 40.10 -53.29 -1.43
CA ASP B 112 38.68 -53.13 -1.15
C ASP B 112 38.39 -51.65 -1.29
N TYR B 113 37.48 -51.31 -2.20
CA TYR B 113 37.15 -49.92 -2.43
C TYR B 113 35.87 -49.45 -1.76
N TYR B 114 35.96 -48.30 -1.08
CA TYR B 114 34.82 -47.72 -0.40
C TYR B 114 34.50 -46.38 -1.06
N TYR B 115 33.33 -46.30 -1.69
CA TYR B 115 32.90 -45.07 -2.35
C TYR B 115 31.84 -44.45 -1.47
N TYR B 116 32.11 -43.30 -0.87
CA TYR B 116 31.12 -42.66 -0.01
C TYR B 116 30.15 -41.71 -0.75
N TYR B 117 28.99 -41.49 -0.15
CA TYR B 117 27.98 -40.60 -0.71
C TYR B 117 26.94 -40.22 0.35
N MET B 118 26.20 -39.14 0.11
CA MET B 118 25.16 -38.76 1.05
C MET B 118 24.07 -39.81 0.82
N ASP B 119 23.89 -40.68 1.83
CA ASP B 119 22.95 -41.80 1.79
C ASP B 119 21.50 -41.55 2.28
N VAL B 120 21.34 -41.32 3.58
CA VAL B 120 20.02 -41.05 4.16
C VAL B 120 19.83 -39.55 4.22
N TRP B 121 18.65 -39.09 3.85
CA TRP B 121 18.35 -37.66 3.85
C TRP B 121 17.11 -37.36 4.65
N GLY B 122 17.14 -36.28 5.44
CA GLY B 122 15.97 -35.89 6.19
C GLY B 122 15.09 -35.00 5.30
N LYS B 123 13.82 -34.85 5.66
CA LYS B 123 12.92 -34.01 4.87
C LYS B 123 13.24 -32.53 5.06
N GLY B 124 14.03 -32.21 6.08
CA GLY B 124 14.40 -30.84 6.33
C GLY B 124 13.48 -30.03 7.24
N THR B 125 13.97 -28.88 7.65
CA THR B 125 13.24 -27.97 8.52
C THR B 125 13.51 -26.57 7.96
N THR B 126 12.45 -25.79 7.80
CA THR B 126 12.59 -24.45 7.22
C THR B 126 13.09 -23.37 8.17
N VAL B 127 14.12 -22.66 7.75
CA VAL B 127 14.68 -21.58 8.56
C VAL B 127 14.55 -20.27 7.78
N THR B 128 13.69 -19.38 8.24
CA THR B 128 13.53 -18.09 7.57
C THR B 128 14.14 -16.95 8.39
N VAL B 129 15.11 -16.26 7.81
CA VAL B 129 15.75 -15.15 8.50
C VAL B 129 15.27 -13.88 7.83
N SER B 130 14.28 -13.26 8.45
CA SER B 130 13.70 -12.06 7.91
C SER B 130 13.16 -11.16 9.00
N SER B 131 13.17 -9.86 8.73
CA SER B 131 12.66 -8.88 9.67
C SER B 131 11.17 -8.75 9.41
N ALA B 132 10.68 -9.46 8.40
CA ALA B 132 9.27 -9.44 8.06
C ALA B 132 8.42 -10.09 9.14
N SER B 133 7.18 -9.62 9.28
CA SER B 133 6.23 -10.15 10.24
C SER B 133 4.83 -10.19 9.64
N THR B 134 3.88 -10.79 10.37
CA THR B 134 2.51 -10.93 9.90
C THR B 134 1.94 -9.68 9.25
N LYS B 135 1.37 -9.86 8.06
CA LYS B 135 0.81 -8.73 7.32
C LYS B 135 -0.20 -9.18 6.27
N GLY B 136 -1.33 -8.48 6.24
CA GLY B 136 -2.37 -8.79 5.27
C GLY B 136 -1.95 -8.30 3.90
N PRO B 137 -2.62 -8.77 2.83
CA PRO B 137 -2.22 -8.32 1.50
C PRO B 137 -2.90 -7.06 1.01
N SER B 138 -2.29 -6.43 0.01
CA SER B 138 -2.87 -5.28 -0.66
C SER B 138 -3.45 -5.97 -1.89
N VAL B 139 -4.70 -5.70 -2.22
CA VAL B 139 -5.30 -6.32 -3.38
C VAL B 139 -5.59 -5.27 -4.41
N PHE B 140 -5.00 -5.45 -5.60
CA PHE B 140 -5.17 -4.53 -6.72
C PHE B 140 -5.82 -5.27 -7.88
N PRO B 141 -6.70 -4.57 -8.61
CA PRO B 141 -7.38 -5.20 -9.74
C PRO B 141 -6.44 -5.28 -10.95
N LEU B 142 -6.55 -6.35 -11.71
CA LEU B 142 -5.75 -6.52 -12.90
C LEU B 142 -6.69 -6.53 -14.09
N ALA B 143 -6.86 -5.38 -14.72
CA ALA B 143 -7.74 -5.29 -15.87
C ALA B 143 -6.91 -5.30 -17.14
N PRO B 144 -7.45 -5.90 -18.22
CA PRO B 144 -6.75 -5.97 -19.51
C PRO B 144 -6.34 -4.58 -19.98
N CYS B 145 -5.09 -4.45 -20.41
CA CYS B 145 -4.59 -3.17 -20.90
C CYS B 145 -5.42 -2.62 -22.06
N SER B 146 -5.33 -3.27 -23.21
CA SER B 146 -6.09 -2.86 -24.38
C SER B 146 -7.57 -3.19 -24.13
N ARG B 147 -8.47 -2.35 -24.61
CA ARG B 147 -9.90 -2.60 -24.42
C ARG B 147 -10.20 -3.97 -25.01
N SER B 148 -10.30 -4.98 -24.14
CA SER B 148 -10.57 -6.34 -24.59
C SER B 148 -12.00 -6.60 -25.02
N THR B 149 -12.19 -6.67 -26.34
CA THR B 149 -13.48 -6.93 -26.97
C THR B 149 -13.17 -7.56 -28.32
N SER B 150 -11.93 -7.37 -28.77
CA SER B 150 -11.44 -7.90 -30.03
C SER B 150 -11.16 -9.40 -29.95
N GLY B 151 -10.46 -9.80 -28.88
CA GLY B 151 -10.15 -11.21 -28.69
C GLY B 151 -11.41 -11.95 -28.22
N GLY B 152 -11.46 -13.26 -28.45
CA GLY B 152 -12.62 -14.03 -28.05
C GLY B 152 -12.83 -14.06 -26.55
N THR B 153 -11.73 -14.24 -25.81
CA THR B 153 -11.79 -14.30 -24.36
C THR B 153 -11.00 -13.18 -23.71
N ALA B 154 -11.50 -12.69 -22.57
CA ALA B 154 -10.82 -11.62 -21.86
C ALA B 154 -10.27 -12.19 -20.55
N ALA B 155 -9.19 -11.59 -20.06
CA ALA B 155 -8.59 -12.02 -18.81
C ALA B 155 -8.68 -10.91 -17.78
N LEU B 156 -9.22 -11.26 -16.61
CA LEU B 156 -9.38 -10.34 -15.49
C LEU B 156 -8.63 -10.96 -14.33
N GLY B 157 -8.15 -10.15 -13.41
CA GLY B 157 -7.44 -10.74 -12.31
C GLY B 157 -7.30 -9.89 -11.08
N CYS B 158 -6.63 -10.46 -10.08
CA CYS B 158 -6.37 -9.79 -8.82
C CYS B 158 -4.91 -9.99 -8.47
N LEU B 159 -4.26 -8.89 -8.08
CA LEU B 159 -2.87 -8.93 -7.66
C LEU B 159 -2.93 -8.88 -6.13
N VAL B 160 -2.50 -9.96 -5.49
CA VAL B 160 -2.48 -10.05 -4.04
C VAL B 160 -1.04 -9.81 -3.60
N LYS B 161 -0.69 -8.54 -3.36
CA LYS B 161 0.66 -8.15 -2.99
C LYS B 161 1.00 -8.12 -1.50
N ASP B 162 2.30 -8.11 -1.27
CA ASP B 162 2.93 -8.02 0.04
C ASP B 162 2.21 -8.56 1.27
N TYR B 163 2.11 -9.88 1.38
CA TYR B 163 1.46 -10.48 2.55
C TYR B 163 2.46 -11.43 3.22
N PHE B 164 2.14 -11.88 4.42
CA PHE B 164 3.00 -12.79 5.15
C PHE B 164 2.35 -13.28 6.42
N PRO B 165 2.49 -14.58 6.70
CA PRO B 165 3.22 -15.52 5.84
C PRO B 165 2.20 -16.19 4.93
N GLU B 166 2.56 -17.31 4.33
CA GLU B 166 1.62 -18.03 3.49
C GLU B 166 0.64 -18.71 4.46
N PRO B 167 -0.54 -19.11 3.98
CA PRO B 167 -0.99 -18.97 2.58
C PRO B 167 -2.15 -17.98 2.43
N VAL B 168 -2.43 -17.65 1.19
CA VAL B 168 -3.53 -16.77 0.83
C VAL B 168 -4.48 -17.62 0.01
N THR B 169 -5.78 -17.53 0.31
CA THR B 169 -6.78 -18.28 -0.43
C THR B 169 -7.56 -17.30 -1.29
N VAL B 170 -7.82 -17.69 -2.53
CA VAL B 170 -8.54 -16.82 -3.44
C VAL B 170 -9.66 -17.56 -4.15
N SER B 171 -10.84 -16.94 -4.15
CA SER B 171 -11.98 -17.50 -4.84
C SER B 171 -12.70 -16.38 -5.59
N TRP B 172 -13.53 -16.76 -6.55
CA TRP B 172 -14.25 -15.77 -7.33
C TRP B 172 -15.75 -15.93 -7.14
N ASN B 173 -16.43 -14.81 -6.96
CA ASN B 173 -17.86 -14.80 -6.76
C ASN B 173 -18.27 -15.86 -5.74
N SER B 174 -17.58 -15.82 -4.61
CA SER B 174 -17.82 -16.73 -3.49
C SER B 174 -17.76 -18.22 -3.80
N GLY B 175 -17.02 -18.60 -4.84
CA GLY B 175 -16.93 -20.01 -5.19
C GLY B 175 -17.86 -20.42 -6.30
N ALA B 176 -18.76 -19.52 -6.69
CA ALA B 176 -19.72 -19.81 -7.76
C ALA B 176 -19.03 -19.88 -9.12
N LEU B 177 -17.89 -19.19 -9.25
CA LEU B 177 -17.13 -19.17 -10.50
C LEU B 177 -15.88 -20.01 -10.29
N THR B 178 -15.76 -21.10 -11.05
CA THR B 178 -14.62 -21.98 -10.89
C THR B 178 -14.00 -22.32 -12.25
N SER B 179 -14.79 -22.20 -13.31
CA SER B 179 -14.32 -22.48 -14.67
C SER B 179 -13.54 -21.29 -15.19
N GLY B 180 -12.38 -21.54 -15.78
CA GLY B 180 -11.57 -20.45 -16.32
C GLY B 180 -10.82 -19.67 -15.26
N VAL B 181 -10.57 -20.31 -14.12
CA VAL B 181 -9.86 -19.67 -13.01
C VAL B 181 -8.44 -20.18 -12.83
N HIS B 182 -7.49 -19.27 -12.72
CA HIS B 182 -6.11 -19.65 -12.52
C HIS B 182 -5.42 -18.82 -11.44
N THR B 183 -5.13 -19.45 -10.31
CA THR B 183 -4.44 -18.75 -9.23
C THR B 183 -2.99 -19.25 -9.27
N PHE B 184 -2.07 -18.33 -9.54
CA PHE B 184 -0.65 -18.69 -9.64
C PHE B 184 0.07 -18.79 -8.30
N PRO B 185 1.08 -19.67 -8.20
CA PRO B 185 1.83 -19.82 -6.96
C PRO B 185 2.49 -18.48 -6.61
N ALA B 186 2.71 -18.24 -5.32
CA ALA B 186 3.29 -16.98 -4.89
C ALA B 186 4.77 -16.85 -5.19
N VAL B 187 5.22 -15.61 -5.32
CA VAL B 187 6.62 -15.32 -5.57
C VAL B 187 7.13 -14.75 -4.24
N LEU B 188 8.34 -15.12 -3.84
CA LEU B 188 8.90 -14.63 -2.59
C LEU B 188 9.80 -13.45 -2.88
N GLN B 189 9.59 -12.36 -2.13
CA GLN B 189 10.37 -11.13 -2.29
C GLN B 189 11.54 -11.04 -1.31
N SER B 190 12.46 -10.12 -1.59
CA SER B 190 13.61 -9.91 -0.72
C SER B 190 13.15 -9.51 0.68
N SER B 191 12.09 -8.72 0.75
CA SER B 191 11.55 -8.25 2.02
C SER B 191 11.09 -9.42 2.90
N GLY B 192 10.80 -10.54 2.25
CA GLY B 192 10.32 -11.70 2.96
C GLY B 192 8.81 -11.82 2.77
N LEU B 193 8.22 -10.86 2.07
CA LEU B 193 6.79 -10.85 1.83
C LEU B 193 6.46 -11.57 0.52
N TYR B 194 5.27 -12.15 0.44
CA TYR B 194 4.84 -12.85 -0.76
C TYR B 194 3.82 -12.05 -1.56
N SER B 195 3.67 -12.42 -2.82
CA SER B 195 2.72 -11.78 -3.72
C SER B 195 2.30 -12.82 -4.74
N LEU B 196 1.02 -12.85 -5.08
CA LEU B 196 0.56 -13.76 -6.11
C LEU B 196 -0.53 -13.09 -6.93
N SER B 197 -0.92 -13.75 -8.01
CA SER B 197 -1.97 -13.23 -8.88
C SER B 197 -2.97 -14.33 -9.16
N SER B 198 -4.19 -13.92 -9.46
CA SER B 198 -5.24 -14.86 -9.79
C SER B 198 -5.99 -14.25 -10.97
N VAL B 199 -6.14 -15.03 -12.03
CA VAL B 199 -6.84 -14.55 -13.21
C VAL B 199 -7.93 -15.51 -13.62
N VAL B 200 -8.95 -14.94 -14.23
CA VAL B 200 -10.07 -15.70 -14.73
C VAL B 200 -10.29 -15.21 -16.15
N THR B 201 -10.51 -16.13 -17.06
CA THR B 201 -10.73 -15.76 -18.46
C THR B 201 -12.20 -15.97 -18.75
N VAL B 202 -12.83 -14.94 -19.29
CA VAL B 202 -14.24 -15.00 -19.60
C VAL B 202 -14.44 -14.66 -21.07
N PRO B 203 -15.61 -14.99 -21.63
CA PRO B 203 -15.86 -14.67 -23.04
C PRO B 203 -15.87 -13.14 -23.18
N SER B 204 -15.03 -12.62 -24.06
CA SER B 204 -14.97 -11.17 -24.28
C SER B 204 -16.36 -10.66 -24.63
N SER B 205 -17.07 -11.45 -25.41
CA SER B 205 -18.41 -11.09 -25.84
C SER B 205 -19.44 -11.12 -24.70
N SER B 206 -18.98 -11.35 -23.47
CA SER B 206 -19.90 -11.41 -22.35
C SER B 206 -19.75 -10.28 -21.33
N LEU B 207 -18.59 -9.63 -21.31
CA LEU B 207 -18.35 -8.56 -20.35
C LEU B 207 -19.51 -7.59 -20.30
N GLY B 208 -20.07 -7.42 -19.10
CA GLY B 208 -21.21 -6.53 -18.91
C GLY B 208 -22.40 -7.28 -18.32
N THR B 209 -22.51 -8.57 -18.64
CA THR B 209 -23.62 -9.40 -18.13
C THR B 209 -23.62 -9.48 -16.62
N GLN B 210 -22.45 -9.79 -16.05
CA GLN B 210 -22.34 -9.95 -14.61
C GLN B 210 -21.11 -9.28 -14.03
N THR B 211 -20.85 -9.57 -12.75
CA THR B 211 -19.69 -9.02 -12.08
C THR B 211 -18.71 -10.11 -11.68
N TYR B 212 -17.48 -9.68 -11.39
CA TYR B 212 -16.41 -10.58 -10.97
C TYR B 212 -15.74 -10.03 -9.72
N THR B 213 -15.94 -10.73 -8.62
CA THR B 213 -15.35 -10.28 -7.36
C THR B 213 -14.39 -11.32 -6.85
N CYS B 214 -13.15 -10.91 -6.58
CA CYS B 214 -12.20 -11.87 -6.05
C CYS B 214 -12.22 -11.76 -4.54
N ASN B 215 -12.42 -12.90 -3.89
CA ASN B 215 -12.49 -12.99 -2.44
C ASN B 215 -11.15 -13.47 -1.94
N VAL B 216 -10.39 -12.56 -1.36
CA VAL B 216 -9.08 -12.88 -0.83
C VAL B 216 -9.14 -13.11 0.67
N ASN B 217 -8.86 -14.33 1.08
CA ASN B 217 -8.89 -14.69 2.49
C ASN B 217 -7.47 -14.99 2.96
N HIS B 218 -7.00 -14.24 3.96
CA HIS B 218 -5.66 -14.47 4.50
C HIS B 218 -5.78 -14.80 5.99
N LYS B 219 -6.09 -16.06 6.30
CA LYS B 219 -6.25 -16.50 7.70
C LYS B 219 -5.14 -16.07 8.69
N PRO B 220 -3.86 -16.28 8.34
CA PRO B 220 -2.78 -15.90 9.25
C PRO B 220 -2.90 -14.53 9.92
N SER B 221 -3.52 -13.57 9.24
CA SER B 221 -3.68 -12.22 9.80
C SER B 221 -5.16 -11.87 9.96
N ASN B 222 -6.02 -12.87 9.76
CA ASN B 222 -7.46 -12.67 9.85
C ASN B 222 -7.89 -11.49 9.01
N THR B 223 -7.56 -11.54 7.72
CA THR B 223 -7.92 -10.46 6.83
C THR B 223 -8.72 -11.04 5.68
N LYS B 224 -9.85 -10.42 5.38
CA LYS B 224 -10.66 -10.85 4.26
C LYS B 224 -10.87 -9.63 3.41
N VAL B 225 -10.62 -9.78 2.12
CA VAL B 225 -10.79 -8.69 1.17
C VAL B 225 -11.61 -9.15 -0.03
N ASP B 226 -12.67 -8.41 -0.34
CA ASP B 226 -13.51 -8.71 -1.49
C ASP B 226 -13.36 -7.53 -2.43
N LYS B 227 -12.85 -7.78 -3.62
CA LYS B 227 -12.64 -6.69 -4.56
C LYS B 227 -13.26 -6.98 -5.93
N ARG B 228 -14.20 -6.14 -6.36
CA ARG B 228 -14.80 -6.32 -7.67
C ARG B 228 -13.86 -5.73 -8.74
N VAL B 229 -13.59 -6.50 -9.79
CA VAL B 229 -12.71 -6.07 -10.88
C VAL B 229 -13.60 -5.64 -12.06
N GLU B 230 -13.31 -4.49 -12.65
CA GLU B 230 -14.16 -4.02 -13.75
C GLU B 230 -13.44 -3.49 -14.99
N LEU B 231 -14.18 -3.40 -16.08
CA LEU B 231 -13.71 -2.89 -17.37
C LEU B 231 -14.61 -3.42 -18.48
N LYS C 2 43.17 -54.47 4.18
CA LYS C 2 43.50 -53.36 3.29
C LYS C 2 42.25 -52.71 2.71
N ARG C 3 42.30 -51.38 2.54
CA ARG C 3 41.10 -50.65 2.13
C ARG C 3 41.40 -49.30 1.48
N ILE C 4 40.59 -49.07 0.52
CA ILE C 4 40.72 -47.80 -0.22
C ILE C 4 39.44 -47.00 0.03
N HIS C 5 39.60 -45.73 0.39
CA HIS C 5 38.46 -44.87 0.68
C HIS C 5 38.33 -43.72 -0.31
N ILE C 6 37.18 -43.63 -0.97
CA ILE C 6 36.96 -42.58 -1.95
C ILE C 6 35.87 -41.63 -1.47
N GLY C 7 36.29 -40.49 -0.91
CA GLY C 7 35.34 -39.52 -0.40
C GLY C 7 36.00 -38.34 0.29
N PRO C 8 35.19 -37.28 0.56
CA PRO C 8 35.68 -36.06 1.17
C PRO C 8 36.20 -36.29 2.59
N GLY C 9 37.41 -35.80 2.85
CA GLY C 9 37.99 -35.94 4.16
C GLY C 9 38.46 -37.36 4.39
N ARG C 10 38.35 -38.17 3.39
CA ARG C 10 38.79 -39.52 3.50
C ARG C 10 40.25 -39.64 3.11
N ALA C 11 40.64 -40.86 2.91
CA ALA C 11 42.01 -41.27 3.04
C ALA C 11 42.58 -41.62 1.67
N GLN D 1 -3.54 32.81 4.24
CA GLN D 1 -4.62 32.31 3.39
C GLN D 1 -5.98 32.97 3.64
N SER D 2 -5.96 34.28 3.91
CA SER D 2 -7.17 35.06 4.15
C SER D 2 -6.81 36.54 4.00
N VAL D 3 -7.42 37.24 3.04
CA VAL D 3 -7.09 38.65 2.81
C VAL D 3 -7.22 39.51 4.07
N LEU D 4 -8.35 39.42 4.76
CA LEU D 4 -8.58 40.16 5.98
C LEU D 4 -8.37 39.16 7.12
N THR D 5 -7.83 39.61 8.24
CA THR D 5 -7.57 38.70 9.35
C THR D 5 -8.44 38.88 10.59
N GLN D 6 -9.05 37.78 11.03
CA GLN D 6 -9.92 37.77 12.22
C GLN D 6 -9.47 36.61 13.10
N PRO D 7 -9.71 36.70 14.41
CA PRO D 7 -9.30 35.57 15.25
C PRO D 7 -10.13 34.37 14.79
N PRO D 8 -9.58 33.15 14.83
CA PRO D 8 -10.41 32.03 14.39
C PRO D 8 -11.65 31.68 15.23
N SER D 9 -11.63 32.00 16.52
CA SER D 9 -12.76 31.70 17.38
C SER D 9 -12.83 32.59 18.62
N VAL D 10 -14.00 32.63 19.24
CA VAL D 10 -14.24 33.44 20.43
C VAL D 10 -15.38 32.79 21.20
N SER D 11 -15.33 32.84 22.52
CA SER D 11 -16.40 32.24 23.32
C SER D 11 -16.82 33.09 24.52
N ALA D 12 -18.10 32.97 24.89
CA ALA D 12 -18.64 33.73 26.01
C ALA D 12 -19.96 33.12 26.42
N ALA D 13 -20.39 33.40 27.65
CA ALA D 13 -21.66 32.86 28.16
C ALA D 13 -22.83 33.74 27.79
N PRO D 14 -24.03 33.16 27.69
CA PRO D 14 -25.21 33.96 27.34
C PRO D 14 -25.34 35.17 28.25
N GLY D 15 -25.74 36.30 27.68
CA GLY D 15 -25.90 37.50 28.46
C GLY D 15 -24.67 38.37 28.44
N GLN D 16 -23.53 37.80 28.09
CA GLN D 16 -22.29 38.58 28.06
C GLN D 16 -22.08 39.32 26.75
N LYS D 17 -21.02 40.10 26.72
CA LYS D 17 -20.65 40.90 25.55
C LYS D 17 -19.47 40.21 24.87
N VAL D 18 -19.24 40.55 23.61
CA VAL D 18 -18.15 39.94 22.89
C VAL D 18 -17.80 40.81 21.69
N THR D 19 -16.53 40.80 21.30
CA THR D 19 -16.12 41.60 20.17
C THR D 19 -15.20 40.78 19.27
N ILE D 20 -15.36 40.99 17.97
CA ILE D 20 -14.59 40.29 16.97
C ILE D 20 -13.89 41.31 16.09
N SER D 21 -12.57 41.23 16.04
CA SER D 21 -11.76 42.15 15.25
C SER D 21 -11.54 41.63 13.83
N CYS D 22 -11.16 42.54 12.95
CA CYS D 22 -10.94 42.24 11.55
C CYS D 22 -9.87 43.20 11.07
N SER D 23 -8.70 42.67 10.74
CA SER D 23 -7.60 43.50 10.31
C SER D 23 -7.31 43.44 8.79
N GLY D 24 -7.05 44.59 8.20
CA GLY D 24 -6.77 44.65 6.78
C GLY D 24 -5.62 45.60 6.47
N SER D 25 -5.70 46.24 5.31
CA SER D 25 -4.68 47.18 4.87
C SER D 25 -5.33 48.40 4.26
N SER D 26 -4.54 49.44 4.05
CA SER D 26 -5.03 50.69 3.48
C SER D 26 -5.77 50.46 2.17
N SER D 27 -5.30 49.48 1.41
CA SER D 27 -5.90 49.15 0.14
C SER D 27 -7.34 48.63 0.23
N ASN D 28 -7.71 48.07 1.39
CA ASN D 28 -9.06 47.57 1.57
C ASN D 28 -9.86 48.23 2.69
N ILE D 29 -9.74 47.74 3.92
CA ILE D 29 -10.49 48.33 5.03
C ILE D 29 -10.22 49.82 5.22
N GLY D 30 -8.97 50.22 5.10
CA GLY D 30 -8.63 51.62 5.27
C GLY D 30 -9.39 52.52 4.31
N ASN D 31 -9.40 52.16 3.03
CA ASN D 31 -10.07 52.96 2.01
C ASN D 31 -11.59 52.81 1.90
N ASN D 32 -12.14 51.66 2.27
CA ASN D 32 -13.56 51.47 2.09
C ASN D 32 -14.45 51.14 3.29
N TYR D 33 -15.66 50.69 3.01
CA TYR D 33 -16.62 50.36 4.06
C TYR D 33 -16.67 48.89 4.31
N VAL D 34 -16.80 48.53 5.58
CA VAL D 34 -16.83 47.15 6.00
C VAL D 34 -18.25 46.62 6.15
N LEU D 35 -18.44 45.34 5.84
CA LEU D 35 -19.72 44.66 5.99
C LEU D 35 -19.41 43.49 6.93
N TRP D 36 -20.41 43.04 7.68
CA TRP D 36 -20.26 41.91 8.57
C TRP D 36 -21.38 40.90 8.28
N TYR D 37 -21.02 39.62 8.23
CA TYR D 37 -21.97 38.57 7.93
C TYR D 37 -22.03 37.56 9.04
N GLN D 38 -23.21 36.94 9.16
CA GLN D 38 -23.45 35.90 10.14
C GLN D 38 -23.84 34.66 9.32
N GLN D 39 -23.29 33.52 9.69
CA GLN D 39 -23.63 32.31 8.96
C GLN D 39 -23.84 31.11 9.87
N PHE D 40 -24.93 30.42 9.61
CA PHE D 40 -25.27 29.23 10.37
C PHE D 40 -24.96 28.03 9.49
N PRO D 41 -24.57 26.92 10.12
CA PRO D 41 -24.25 25.69 9.38
C PRO D 41 -25.33 25.31 8.38
N GLY D 42 -24.95 25.13 7.13
CA GLY D 42 -25.92 24.75 6.11
C GLY D 42 -26.87 25.81 5.58
N THR D 43 -26.50 27.08 5.75
CA THR D 43 -27.34 28.16 5.24
C THR D 43 -26.49 29.27 4.64
N ALA D 44 -27.13 30.19 3.92
CA ALA D 44 -26.41 31.27 3.29
C ALA D 44 -26.06 32.35 4.30
N PRO D 45 -24.97 33.11 4.04
CA PRO D 45 -24.58 34.17 4.95
C PRO D 45 -25.67 35.24 5.04
N LYS D 46 -25.89 35.77 6.23
CA LYS D 46 -26.89 36.81 6.43
C LYS D 46 -26.20 38.14 6.77
N LEU D 47 -26.56 39.18 6.03
CA LEU D 47 -25.98 40.49 6.27
C LEU D 47 -26.32 41.01 7.68
N LEU D 48 -25.28 41.34 8.45
CA LEU D 48 -25.44 41.82 9.81
C LEU D 48 -25.20 43.31 9.96
N ILE D 49 -24.19 43.79 9.25
CA ILE D 49 -23.80 45.19 9.30
C ILE D 49 -23.23 45.64 7.96
N TYR D 50 -23.48 46.90 7.62
CA TYR D 50 -22.96 47.46 6.38
C TYR D 50 -22.59 48.92 6.62
N GLY D 51 -21.81 49.50 5.72
CA GLY D 51 -21.40 50.90 5.87
C GLY D 51 -20.66 51.10 7.18
N ASN D 52 -19.90 50.08 7.58
CA ASN D 52 -19.09 50.07 8.81
C ASN D 52 -19.87 49.87 10.11
N ASN D 53 -20.96 50.61 10.28
CA ASN D 53 -21.72 50.52 11.52
C ASN D 53 -23.25 50.51 11.43
N LYS D 54 -23.79 50.30 10.23
CA LYS D 54 -25.24 50.26 10.08
C LYS D 54 -25.85 48.85 10.11
N ARG D 55 -27.05 48.76 10.71
CA ARG D 55 -27.79 47.51 10.85
C ARG D 55 -29.00 47.42 9.95
N PRO D 56 -29.15 46.30 9.21
CA PRO D 56 -30.31 46.14 8.31
C PRO D 56 -31.54 45.92 9.20
N SER D 57 -32.71 46.32 8.71
CA SER D 57 -33.95 46.12 9.45
C SER D 57 -34.04 44.66 9.90
N GLY D 58 -34.37 44.43 11.17
CA GLY D 58 -34.48 43.07 11.67
C GLY D 58 -33.30 42.75 12.58
N ILE D 59 -32.17 43.40 12.34
CA ILE D 59 -30.99 43.18 13.17
C ILE D 59 -31.12 44.03 14.41
N PRO D 60 -31.21 43.39 15.58
CA PRO D 60 -31.33 44.11 16.86
C PRO D 60 -30.07 44.90 17.19
N ASP D 61 -30.21 45.97 17.96
CA ASP D 61 -29.04 46.79 18.28
C ASP D 61 -28.02 46.15 19.22
N ARG D 62 -28.19 44.87 19.53
CA ARG D 62 -27.20 44.18 20.38
C ARG D 62 -25.97 44.03 19.49
N PHE D 63 -26.17 44.19 18.18
CA PHE D 63 -25.08 44.09 17.21
C PHE D 63 -24.59 45.49 16.84
N SER D 64 -23.28 45.68 16.87
CA SER D 64 -22.72 46.98 16.53
C SER D 64 -21.43 46.76 15.75
N GLY D 65 -21.07 47.76 14.97
CA GLY D 65 -19.87 47.67 14.17
C GLY D 65 -19.13 48.99 14.20
N SER D 66 -17.80 48.92 14.07
CA SER D 66 -16.98 50.12 14.05
C SER D 66 -15.74 49.86 13.19
N LYS D 67 -15.17 50.92 12.66
CA LYS D 67 -13.99 50.82 11.83
C LYS D 67 -13.04 51.92 12.24
N SER D 68 -11.78 51.57 12.48
CA SER D 68 -10.75 52.53 12.87
C SER D 68 -9.48 52.25 12.06
N GLY D 69 -9.23 53.07 11.05
CA GLY D 69 -8.04 52.88 10.24
C GLY D 69 -8.16 51.72 9.27
N THR D 70 -7.34 50.70 9.48
CA THR D 70 -7.36 49.51 8.63
C THR D 70 -7.92 48.33 9.42
N SER D 71 -8.63 48.62 10.50
CA SER D 71 -9.24 47.58 11.34
C SER D 71 -10.74 47.84 11.56
N ALA D 72 -11.51 46.77 11.69
CA ALA D 72 -12.94 46.88 11.92
C ALA D 72 -13.30 45.92 13.04
N THR D 73 -14.35 46.22 13.77
CA THR D 73 -14.76 45.37 14.88
C THR D 73 -16.28 45.19 14.91
N LEU D 74 -16.70 44.03 15.39
CA LEU D 74 -18.10 43.72 15.52
C LEU D 74 -18.35 43.40 16.98
N GLY D 75 -19.37 44.02 17.54
CA GLY D 75 -19.69 43.77 18.93
C GLY D 75 -21.05 43.12 19.04
N ILE D 76 -21.23 42.32 20.07
CA ILE D 76 -22.50 41.67 20.30
C ILE D 76 -22.69 41.69 21.80
N THR D 77 -23.80 42.26 22.25
CA THR D 77 -24.09 42.32 23.69
C THR D 77 -25.30 41.44 23.99
N GLY D 78 -25.43 41.04 25.25
CA GLY D 78 -26.54 40.19 25.66
C GLY D 78 -26.60 38.92 24.84
N LEU D 79 -25.49 38.20 24.77
CA LEU D 79 -25.40 36.96 24.02
C LEU D 79 -26.51 35.94 24.29
N GLN D 80 -26.98 35.31 23.23
CA GLN D 80 -28.00 34.28 23.31
C GLN D 80 -27.43 33.07 22.59
N THR D 81 -27.79 31.88 23.07
CA THR D 81 -27.30 30.66 22.45
C THR D 81 -27.56 30.72 20.94
N GLY D 82 -28.66 31.37 20.56
CA GLY D 82 -29.01 31.50 19.14
C GLY D 82 -28.04 32.33 18.32
N ASP D 83 -27.09 33.00 18.98
CA ASP D 83 -26.11 33.81 18.26
C ASP D 83 -24.90 32.97 17.86
N GLU D 84 -24.88 31.71 18.29
CA GLU D 84 -23.77 30.82 17.96
C GLU D 84 -23.70 30.52 16.46
N ALA D 85 -22.66 31.04 15.82
CA ALA D 85 -22.49 30.86 14.39
C ALA D 85 -21.15 31.44 13.98
N ASP D 86 -20.94 31.51 12.66
CA ASP D 86 -19.72 32.08 12.13
C ASP D 86 -19.96 33.54 11.74
N TYR D 87 -18.94 34.36 11.93
CA TYR D 87 -19.01 35.76 11.62
C TYR D 87 -17.81 36.19 10.79
N PHE D 88 -18.04 36.77 9.62
CA PHE D 88 -16.92 37.24 8.84
C PHE D 88 -17.13 38.66 8.32
N CYS D 89 -16.03 39.39 8.16
CA CYS D 89 -16.10 40.75 7.64
C CYS D 89 -15.81 40.73 6.15
N ALA D 90 -16.13 41.82 5.47
CA ALA D 90 -15.87 41.92 4.04
C ALA D 90 -15.77 43.39 3.63
N THR D 91 -15.09 43.64 2.52
CA THR D 91 -14.95 44.98 1.95
C THR D 91 -14.55 44.68 0.53
N TRP D 92 -13.98 45.68 -0.12
CA TRP D 92 -13.50 45.48 -1.47
C TRP D 92 -12.15 46.18 -1.55
N ASP D 93 -11.33 45.73 -2.48
CA ASP D 93 -10.01 46.29 -2.67
C ASP D 93 -10.14 47.48 -3.62
N SER D 94 -9.44 48.56 -3.34
CA SER D 94 -9.52 49.73 -4.19
C SER D 94 -8.59 49.60 -5.39
N GLY D 95 -8.30 48.36 -5.78
CA GLY D 95 -7.44 48.10 -6.93
C GLY D 95 -8.28 48.11 -8.19
N LEU D 96 -7.66 47.84 -9.34
CA LEU D 96 -8.39 47.86 -10.60
C LEU D 96 -9.52 46.84 -10.79
N SER D 97 -9.34 45.62 -10.28
CA SER D 97 -10.38 44.61 -10.43
C SER D 97 -11.47 44.73 -9.35
N ALA D 98 -11.23 45.60 -8.38
CA ALA D 98 -12.19 45.86 -7.30
C ALA D 98 -12.70 44.58 -6.61
N ASP D 99 -11.77 43.74 -6.22
CA ASP D 99 -12.09 42.47 -5.56
C ASP D 99 -12.90 42.62 -4.28
N TRP D 100 -13.84 41.70 -4.07
CA TRP D 100 -14.54 41.70 -2.79
C TRP D 100 -13.51 40.89 -1.96
N VAL D 101 -13.17 41.33 -0.76
CA VAL D 101 -12.22 40.58 0.04
C VAL D 101 -12.89 40.10 1.33
N PHE D 102 -12.44 38.96 1.86
CA PHE D 102 -13.09 38.42 3.04
C PHE D 102 -12.14 38.05 4.17
N GLY D 103 -12.70 37.92 5.38
CA GLY D 103 -11.92 37.51 6.52
C GLY D 103 -12.07 36.00 6.59
N GLY D 104 -11.20 35.34 7.36
CA GLY D 104 -11.27 33.89 7.45
C GLY D 104 -12.44 33.41 8.28
N GLY D 105 -13.14 34.34 8.91
CA GLY D 105 -14.27 33.99 9.75
C GLY D 105 -13.82 33.64 11.17
N THR D 106 -14.61 33.97 12.17
CA THR D 106 -14.27 33.66 13.55
C THR D 106 -15.44 32.86 14.07
N LYS D 107 -15.19 31.67 14.62
CA LYS D 107 -16.27 30.87 15.16
C LYS D 107 -16.56 31.36 16.59
N LEU D 108 -17.77 31.86 16.80
CA LEU D 108 -18.15 32.33 18.12
C LEU D 108 -18.98 31.24 18.80
N THR D 109 -18.51 30.79 19.97
CA THR D 109 -19.23 29.78 20.71
C THR D 109 -19.88 30.44 21.91
N VAL D 110 -21.17 30.19 22.10
CA VAL D 110 -21.88 30.74 23.23
C VAL D 110 -22.03 29.61 24.22
N LEU D 111 -21.13 29.60 25.20
CA LEU D 111 -21.08 28.56 26.22
C LEU D 111 -22.45 28.08 26.68
N SER D 112 -22.76 26.83 26.36
CA SER D 112 -24.03 26.23 26.71
C SER D 112 -23.81 24.99 27.54
N GLN D 113 -22.57 24.82 28.00
CA GLN D 113 -22.21 23.68 28.83
C GLN D 113 -20.83 23.94 29.38
N PRO D 114 -20.43 23.19 30.43
CA PRO D 114 -19.10 23.39 31.02
C PRO D 114 -17.97 23.02 30.05
N LYS D 115 -16.92 23.83 30.05
CA LYS D 115 -15.78 23.57 29.17
C LYS D 115 -15.19 22.20 29.44
N ALA D 116 -14.86 21.49 28.36
CA ALA D 116 -14.30 20.15 28.48
C ALA D 116 -12.93 20.01 27.85
N ALA D 117 -11.98 19.46 28.59
CA ALA D 117 -10.63 19.25 28.06
C ALA D 117 -10.73 18.10 27.07
N PRO D 118 -9.84 18.07 26.07
CA PRO D 118 -9.87 16.99 25.08
C PRO D 118 -9.18 15.71 25.49
N SER D 119 -9.67 14.61 24.93
CA SER D 119 -9.07 13.31 25.16
C SER D 119 -8.16 13.13 23.95
N VAL D 120 -6.95 12.65 24.20
CA VAL D 120 -5.99 12.45 23.15
C VAL D 120 -5.39 11.05 23.16
N THR D 121 -5.43 10.39 22.01
CA THR D 121 -4.87 9.06 21.86
C THR D 121 -3.87 9.11 20.71
N LEU D 122 -2.65 8.67 20.98
CA LEU D 122 -1.59 8.65 19.98
C LEU D 122 -1.17 7.22 19.65
N PHE D 123 -1.37 6.83 18.40
CA PHE D 123 -1.00 5.49 17.95
C PHE D 123 0.26 5.57 17.10
N PRO D 124 1.21 4.65 17.33
CA PRO D 124 2.46 4.61 16.56
C PRO D 124 2.16 3.87 15.28
N PRO D 125 3.07 3.90 14.29
CA PRO D 125 2.80 3.18 13.05
C PRO D 125 2.63 1.69 13.32
N SER D 126 1.69 1.05 12.64
CA SER D 126 1.49 -0.38 12.85
C SER D 126 2.64 -1.10 12.15
N SER D 127 2.93 -2.31 12.61
CA SER D 127 3.99 -3.11 12.05
C SER D 127 3.68 -3.44 10.59
N GLU D 128 2.41 -3.61 10.26
CA GLU D 128 1.99 -3.92 8.90
C GLU D 128 2.24 -2.75 7.95
N GLU D 129 2.06 -1.53 8.44
CA GLU D 129 2.29 -0.36 7.62
C GLU D 129 3.79 -0.22 7.32
N LEU D 130 4.64 -0.40 8.34
CA LEU D 130 6.08 -0.28 8.15
C LEU D 130 6.61 -1.19 7.05
N GLN D 131 6.12 -2.43 6.99
CA GLN D 131 6.55 -3.37 5.97
C GLN D 131 6.06 -2.96 4.60
N ALA D 132 5.20 -1.96 4.56
CA ALA D 132 4.66 -1.44 3.30
C ALA D 132 5.48 -0.21 2.95
N ASN D 133 6.57 -0.02 3.68
CA ASN D 133 7.50 1.10 3.47
C ASN D 133 6.88 2.46 3.78
N LYS D 134 5.97 2.48 4.75
CA LYS D 134 5.29 3.69 5.17
C LYS D 134 5.15 3.71 6.69
N ALA D 135 4.93 4.89 7.26
CA ALA D 135 4.78 5.05 8.71
C ALA D 135 3.93 6.28 9.00
N THR D 136 2.80 6.08 9.68
CA THR D 136 1.92 7.19 10.01
C THR D 136 1.59 7.18 11.50
N LEU D 137 1.77 8.34 12.14
CA LEU D 137 1.42 8.45 13.54
C LEU D 137 0.01 9.03 13.53
N VAL D 138 -0.86 8.48 14.36
CA VAL D 138 -2.24 8.94 14.43
C VAL D 138 -2.59 9.55 15.78
N CYS D 139 -2.96 10.83 15.76
CA CYS D 139 -3.34 11.54 16.97
C CYS D 139 -4.83 11.83 16.89
N LEU D 140 -5.60 11.20 17.77
CA LEU D 140 -7.03 11.38 17.81
C LEU D 140 -7.41 12.27 19.00
N ILE D 141 -8.18 13.31 18.71
CA ILE D 141 -8.59 14.28 19.71
C ILE D 141 -10.11 14.34 19.79
N SER D 142 -10.68 14.02 20.94
CA SER D 142 -12.13 14.04 21.08
C SER D 142 -12.71 14.58 22.39
N ASP D 143 -14.04 14.73 22.40
CA ASP D 143 -14.81 15.23 23.53
C ASP D 143 -14.39 16.59 24.12
N PHE D 144 -13.92 17.52 23.31
CA PHE D 144 -13.54 18.83 23.85
C PHE D 144 -14.57 19.91 23.54
N TYR D 145 -14.63 20.92 24.40
CA TYR D 145 -15.57 22.04 24.25
C TYR D 145 -15.03 23.29 24.94
N PRO D 146 -15.09 24.46 24.25
CA PRO D 146 -15.61 24.66 22.89
C PRO D 146 -14.78 23.96 21.79
N GLY D 147 -15.28 24.02 20.56
CA GLY D 147 -14.61 23.33 19.47
C GLY D 147 -13.40 23.90 18.75
N ALA D 148 -12.34 24.23 19.48
CA ALA D 148 -11.14 24.78 18.84
C ALA D 148 -9.87 24.27 19.52
N VAL D 149 -8.91 23.82 18.71
CA VAL D 149 -7.65 23.33 19.26
C VAL D 149 -6.47 23.63 18.35
N THR D 150 -5.29 23.45 18.91
CA THR D 150 -4.04 23.66 18.19
C THR D 150 -3.24 22.38 18.38
N VAL D 151 -2.69 21.86 17.29
CA VAL D 151 -1.91 20.62 17.36
C VAL D 151 -0.48 20.77 16.89
N ALA D 152 0.45 20.40 17.76
CA ALA D 152 1.88 20.50 17.47
C ALA D 152 2.58 19.16 17.68
N TRP D 153 3.41 18.77 16.70
CA TRP D 153 4.15 17.52 16.81
C TRP D 153 5.61 17.77 17.15
N LYS D 154 6.21 16.84 17.87
CA LYS D 154 7.60 16.97 18.28
C LYS D 154 8.41 15.72 17.96
N ALA D 155 9.60 15.92 17.41
CA ALA D 155 10.51 14.81 17.13
C ALA D 155 11.54 14.96 18.24
N ASP D 156 11.52 14.02 19.20
CA ASP D 156 12.41 14.05 20.35
C ASP D 156 12.05 15.24 21.22
N SER D 157 12.28 16.44 20.68
CA SER D 157 11.98 17.67 21.39
C SER D 157 11.90 18.81 20.38
N SER D 158 12.38 18.54 19.18
CA SER D 158 12.37 19.53 18.11
C SER D 158 10.98 19.59 17.48
N PRO D 159 10.48 20.80 17.19
CA PRO D 159 9.15 20.87 16.57
C PRO D 159 9.22 20.22 15.20
N VAL D 160 8.09 19.68 14.75
CA VAL D 160 8.01 19.05 13.45
C VAL D 160 6.83 19.63 12.69
N LYS D 161 7.08 20.10 11.47
CA LYS D 161 6.00 20.67 10.68
C LYS D 161 5.79 19.87 9.40
N ALA D 162 6.88 19.32 8.87
CA ALA D 162 6.83 18.54 7.64
C ALA D 162 6.09 17.21 7.82
N GLY D 163 5.13 16.95 6.95
CA GLY D 163 4.37 15.71 7.01
C GLY D 163 3.14 15.70 7.90
N VAL D 164 2.69 16.89 8.33
CA VAL D 164 1.52 16.98 9.21
C VAL D 164 0.23 17.35 8.48
N GLU D 165 -0.84 16.64 8.80
CA GLU D 165 -2.16 16.87 8.23
C GLU D 165 -3.14 16.79 9.39
N THR D 166 -3.84 17.89 9.64
CA THR D 166 -4.80 17.96 10.73
C THR D 166 -6.18 18.36 10.21
N THR D 167 -7.22 17.64 10.62
CA THR D 167 -8.58 17.94 10.19
C THR D 167 -9.13 19.07 11.06
N THR D 168 -10.13 19.77 10.55
CA THR D 168 -10.73 20.85 11.32
C THR D 168 -11.63 20.23 12.39
N PRO D 169 -11.87 20.95 13.50
CA PRO D 169 -12.72 20.38 14.54
C PRO D 169 -14.07 19.96 13.94
N SER D 170 -14.65 18.91 14.50
CA SER D 170 -15.92 18.41 14.01
C SER D 170 -16.86 18.19 15.19
N LYS D 171 -18.14 18.42 14.97
CA LYS D 171 -19.14 18.29 16.03
C LYS D 171 -19.59 16.85 16.23
N GLN D 172 -19.49 16.36 17.46
CA GLN D 172 -19.88 15.00 17.79
C GLN D 172 -21.38 14.93 18.10
N SER D 173 -21.87 13.70 18.26
CA SER D 173 -23.28 13.48 18.58
C SER D 173 -23.65 14.12 19.91
N ASN D 174 -22.74 14.07 20.88
CA ASN D 174 -22.99 14.64 22.22
C ASN D 174 -22.66 16.15 22.32
N ASN D 175 -22.58 16.81 21.17
CA ASN D 175 -22.29 18.24 21.10
C ASN D 175 -20.87 18.69 21.45
N LYS D 176 -19.98 17.75 21.73
CA LYS D 176 -18.60 18.13 22.02
C LYS D 176 -17.85 18.04 20.68
N TYR D 177 -16.55 18.32 20.65
CA TYR D 177 -15.82 18.27 19.38
C TYR D 177 -14.70 17.24 19.24
N ALA D 178 -14.41 16.89 17.99
CA ALA D 178 -13.37 15.92 17.66
C ALA D 178 -12.49 16.45 16.52
N ALA D 179 -11.29 15.88 16.41
CA ALA D 179 -10.32 16.25 15.37
C ALA D 179 -9.22 15.20 15.27
N SER D 180 -8.59 15.13 14.11
CA SER D 180 -7.52 14.16 13.87
C SER D 180 -6.29 14.87 13.35
N SER D 181 -5.13 14.32 13.68
CA SER D 181 -3.86 14.85 13.18
C SER D 181 -2.98 13.66 12.80
N TYR D 182 -2.39 13.72 11.62
CA TYR D 182 -1.53 12.65 11.15
C TYR D 182 -0.14 13.18 10.85
N LEU D 183 0.85 12.34 11.12
CA LEU D 183 2.24 12.67 10.85
C LEU D 183 2.84 11.59 9.98
N SER D 184 3.16 11.92 8.73
CA SER D 184 3.76 10.98 7.79
C SER D 184 5.27 10.93 7.98
N LEU D 185 5.81 9.72 8.13
CA LEU D 185 7.24 9.52 8.30
C LEU D 185 7.72 8.44 7.36
N THR D 186 9.02 8.20 7.40
CA THR D 186 9.63 7.15 6.61
C THR D 186 9.97 6.13 7.67
N PRO D 187 9.87 4.83 7.36
CA PRO D 187 10.20 3.82 8.36
C PRO D 187 11.51 4.19 9.05
N GLU D 188 12.44 4.69 8.25
CA GLU D 188 13.74 5.12 8.76
C GLU D 188 13.61 6.19 9.84
N GLN D 189 12.97 7.32 9.51
CA GLN D 189 12.78 8.40 10.46
C GLN D 189 12.17 7.92 11.76
N TRP D 190 11.06 7.20 11.66
CA TRP D 190 10.39 6.68 12.85
C TRP D 190 11.35 5.99 13.80
N LYS D 191 12.31 5.25 13.27
CA LYS D 191 13.28 4.53 14.09
C LYS D 191 14.46 5.42 14.49
N SER D 192 14.67 6.49 13.73
CA SER D 192 15.75 7.44 13.95
C SER D 192 15.68 8.29 15.22
N HIS D 193 14.51 8.41 15.83
CA HIS D 193 14.41 9.23 17.03
C HIS D 193 13.97 8.45 18.26
N ARG D 194 14.26 9.01 19.44
CA ARG D 194 13.89 8.38 20.69
C ARG D 194 12.38 8.34 20.85
N SER D 195 11.70 9.41 20.43
CA SER D 195 10.25 9.46 20.55
C SER D 195 9.62 10.52 19.66
N TYR D 196 8.29 10.51 19.64
CA TYR D 196 7.50 11.48 18.90
C TYR D 196 6.35 11.86 19.80
N SER D 197 5.92 13.11 19.73
CA SER D 197 4.84 13.56 20.59
C SER D 197 3.80 14.42 19.87
N CYS D 198 2.58 14.32 20.36
CA CYS D 198 1.45 15.07 19.83
C CYS D 198 0.91 15.91 20.98
N GLN D 199 1.10 17.22 20.90
CA GLN D 199 0.59 18.10 21.94
C GLN D 199 -0.52 18.98 21.40
N VAL D 200 -1.68 18.87 22.04
CA VAL D 200 -2.87 19.62 21.67
C VAL D 200 -3.16 20.71 22.69
N THR D 201 -3.34 21.92 22.19
CA THR D 201 -3.62 23.06 23.05
C THR D 201 -5.09 23.43 22.94
N HIS D 202 -5.73 23.56 24.09
CA HIS D 202 -7.14 23.90 24.18
C HIS D 202 -7.38 24.77 25.40
N GLU D 203 -7.90 25.98 25.16
CA GLU D 203 -8.20 26.92 26.23
C GLU D 203 -6.99 27.07 27.15
N GLY D 204 -5.83 27.36 26.56
CA GLY D 204 -4.62 27.53 27.34
C GLY D 204 -3.94 26.24 27.75
N SER D 205 -4.71 25.34 28.38
CA SER D 205 -4.18 24.06 28.84
C SER D 205 -3.72 23.20 27.68
N THR D 206 -2.56 22.57 27.82
CA THR D 206 -2.02 21.72 26.77
C THR D 206 -1.85 20.27 27.19
N VAL D 207 -2.41 19.35 26.40
CA VAL D 207 -2.29 17.92 26.68
C VAL D 207 -1.17 17.42 25.77
N GLU D 208 -0.47 16.38 26.19
CA GLU D 208 0.61 15.86 25.38
C GLU D 208 0.75 14.37 25.54
N LYS D 209 0.81 13.67 24.41
CA LYS D 209 0.96 12.22 24.39
C LYS D 209 2.25 11.88 23.63
N THR D 210 2.89 10.78 24.02
CA THR D 210 4.15 10.37 23.40
C THR D 210 4.23 8.89 23.04
N VAL D 211 5.01 8.59 22.01
CA VAL D 211 5.21 7.21 21.55
C VAL D 211 6.69 7.03 21.22
N ALA D 212 7.21 5.85 21.53
CA ALA D 212 8.62 5.56 21.27
C ALA D 212 8.77 4.21 20.56
N PRO D 213 9.53 4.18 19.46
CA PRO D 213 9.79 2.97 18.67
C PRO D 213 10.27 1.80 19.53
N THR D 214 10.82 2.12 20.70
CA THR D 214 11.34 1.11 21.63
C THR D 214 10.52 -0.18 21.65
N GLU D 215 9.20 -0.06 21.57
CA GLU D 215 8.33 -1.23 21.58
C GLU D 215 7.27 -1.17 20.48
N GLU E 1 -38.75 34.54 -2.85
CA GLU E 1 -38.36 33.19 -3.22
C GLU E 1 -37.18 33.26 -4.18
N VAL E 2 -36.06 33.75 -3.69
CA VAL E 2 -34.87 33.88 -4.51
C VAL E 2 -33.87 32.77 -4.24
N GLN E 3 -33.22 32.32 -5.31
CA GLN E 3 -32.22 31.28 -5.18
C GLN E 3 -31.30 31.23 -6.38
N LEU E 4 -30.14 30.60 -6.18
CA LEU E 4 -29.14 30.45 -7.22
C LEU E 4 -28.71 29.00 -7.15
N VAL E 5 -28.85 28.28 -8.25
CA VAL E 5 -28.46 26.90 -8.28
C VAL E 5 -27.37 26.67 -9.31
N GLU E 6 -26.18 26.31 -8.83
CA GLU E 6 -25.08 26.07 -9.74
C GLU E 6 -24.85 24.58 -9.93
N SER E 7 -24.10 24.22 -10.97
CA SER E 7 -23.81 22.83 -11.27
C SER E 7 -22.64 22.78 -12.24
N GLY E 8 -22.17 21.58 -12.53
CA GLY E 8 -21.05 21.41 -13.45
C GLY E 8 -19.77 21.02 -12.75
N GLY E 9 -19.80 21.00 -11.43
CA GLY E 9 -18.62 20.63 -10.68
C GLY E 9 -18.27 19.17 -10.88
N GLY E 10 -17.03 18.83 -10.57
CA GLY E 10 -16.59 17.46 -10.70
C GLY E 10 -15.09 17.34 -10.56
N LEU E 11 -14.56 16.20 -10.98
CA LEU E 11 -13.12 15.93 -10.91
C LEU E 11 -12.48 16.25 -12.27
N VAL E 12 -11.38 16.98 -12.24
CA VAL E 12 -10.68 17.33 -13.47
C VAL E 12 -9.18 17.18 -13.26
N LYS E 13 -8.48 16.71 -14.27
CA LYS E 13 -7.03 16.53 -14.20
C LYS E 13 -6.36 17.91 -14.25
N PRO E 14 -5.15 18.03 -13.68
CA PRO E 14 -4.52 19.35 -13.76
C PRO E 14 -4.33 19.71 -15.24
N GLY E 15 -4.66 20.94 -15.61
CA GLY E 15 -4.53 21.36 -16.99
C GLY E 15 -5.83 21.30 -17.77
N GLY E 16 -6.77 20.48 -17.30
CA GLY E 16 -8.03 20.34 -17.98
C GLY E 16 -8.96 21.55 -17.91
N SER E 17 -10.18 21.36 -18.40
CA SER E 17 -11.20 22.41 -18.44
C SER E 17 -12.47 22.01 -17.74
N LEU E 18 -13.27 23.00 -17.38
CA LEU E 18 -14.52 22.77 -16.70
C LEU E 18 -15.39 23.98 -16.92
N ARG E 19 -16.69 23.76 -17.09
CA ARG E 19 -17.63 24.86 -17.30
C ARG E 19 -18.71 24.79 -16.24
N LEU E 20 -18.78 25.79 -15.38
CA LEU E 20 -19.80 25.81 -14.33
C LEU E 20 -20.94 26.70 -14.80
N THR E 21 -22.16 26.34 -14.43
CA THR E 21 -23.31 27.15 -14.79
C THR E 21 -24.10 27.42 -13.53
N CYS E 22 -24.76 28.57 -13.51
CA CYS E 22 -25.55 28.98 -12.37
C CYS E 22 -26.87 29.54 -12.89
N VAL E 23 -27.97 28.99 -12.40
CA VAL E 23 -29.30 29.42 -12.80
C VAL E 23 -29.96 30.17 -11.66
N ALA E 24 -30.56 31.31 -11.97
CA ALA E 24 -31.22 32.13 -10.97
C ALA E 24 -32.73 32.12 -11.11
N SER E 25 -33.42 32.47 -10.02
CA SER E 25 -34.87 32.52 -10.02
C SER E 25 -35.36 33.38 -8.87
N GLY E 26 -36.47 34.08 -9.09
CA GLY E 26 -37.05 34.92 -8.06
C GLY E 26 -36.80 36.41 -8.14
N PHE E 27 -36.13 36.87 -9.18
CA PHE E 27 -35.84 38.29 -9.34
C PHE E 27 -35.44 38.57 -10.78
N THR E 28 -35.37 39.86 -11.13
CA THR E 28 -35.00 40.27 -12.49
C THR E 28 -33.49 40.12 -12.68
N PHE E 29 -33.10 38.97 -13.20
CA PHE E 29 -31.70 38.61 -13.42
C PHE E 29 -30.86 39.66 -14.14
N SER E 30 -31.36 40.17 -15.27
CA SER E 30 -30.62 41.15 -16.04
C SER E 30 -30.16 42.39 -15.30
N ASP E 31 -30.84 42.76 -14.21
CA ASP E 31 -30.48 43.96 -13.48
C ASP E 31 -29.41 43.84 -12.43
N VAL E 32 -29.02 42.63 -12.08
CA VAL E 32 -28.01 42.49 -11.04
C VAL E 32 -26.63 42.15 -11.53
N TRP E 33 -25.65 42.49 -10.71
CA TRP E 33 -24.26 42.17 -10.96
C TRP E 33 -24.08 40.78 -10.34
N LEU E 34 -23.28 39.95 -10.97
CA LEU E 34 -23.05 38.61 -10.49
C LEU E 34 -21.60 38.39 -10.14
N ASN E 35 -21.36 37.55 -9.14
CA ASN E 35 -20.01 37.24 -8.68
C ASN E 35 -19.83 35.73 -8.61
N TRP E 36 -18.59 35.30 -8.74
CA TRP E 36 -18.28 33.90 -8.57
C TRP E 36 -17.33 33.94 -7.39
N VAL E 37 -17.58 33.12 -6.38
CA VAL E 37 -16.67 33.08 -5.23
C VAL E 37 -16.30 31.62 -5.01
N ARG E 38 -15.21 31.39 -4.29
CA ARG E 38 -14.79 30.04 -4.06
C ARG E 38 -14.13 29.91 -2.71
N GLN E 39 -14.30 28.74 -2.11
CA GLN E 39 -13.71 28.47 -0.82
C GLN E 39 -13.10 27.08 -0.81
N ALA E 40 -11.77 27.06 -0.81
CA ALA E 40 -11.04 25.80 -0.78
C ALA E 40 -11.10 25.25 0.64
N PRO E 41 -10.89 23.94 0.80
CA PRO E 41 -10.93 23.31 2.13
C PRO E 41 -9.97 24.02 3.09
N GLY E 42 -10.47 24.41 4.25
CA GLY E 42 -9.62 25.09 5.22
C GLY E 42 -9.46 26.59 5.05
N LYS E 43 -9.19 27.04 3.82
CA LYS E 43 -9.00 28.47 3.52
C LYS E 43 -10.26 29.30 3.66
N GLY E 44 -10.12 30.60 3.42
CA GLY E 44 -11.24 31.52 3.50
C GLY E 44 -11.81 31.86 2.13
N LEU E 45 -12.99 32.46 2.11
CA LEU E 45 -13.63 32.84 0.86
C LEU E 45 -12.76 33.72 -0.02
N GLU E 46 -12.73 33.43 -1.31
CA GLU E 46 -11.97 34.22 -2.26
C GLU E 46 -12.86 34.61 -3.42
N TRP E 47 -12.87 35.90 -3.74
CA TRP E 47 -13.66 36.39 -4.85
C TRP E 47 -12.93 36.04 -6.14
N VAL E 48 -13.65 35.46 -7.09
CA VAL E 48 -13.09 35.03 -8.37
C VAL E 48 -13.28 36.06 -9.46
N GLY E 49 -14.46 36.67 -9.47
CA GLY E 49 -14.72 37.67 -10.49
C GLY E 49 -16.17 38.04 -10.54
N ARG E 50 -16.50 38.94 -11.45
CA ARG E 50 -17.88 39.36 -11.60
C ARG E 50 -18.17 39.78 -13.02
N ILE E 51 -19.45 39.90 -13.30
CA ILE E 51 -19.89 40.36 -14.58
C ILE E 51 -20.99 41.36 -14.24
N LYS E 52 -20.81 42.59 -14.72
CA LYS E 52 -21.77 43.66 -14.46
C LYS E 52 -23.01 43.45 -15.30
N SER E 53 -24.05 44.23 -15.01
CA SER E 53 -25.28 44.11 -15.76
C SER E 53 -25.05 44.73 -17.13
N ARG E 54 -25.91 44.39 -18.08
CA ARG E 54 -25.79 44.92 -19.43
C ARG E 54 -25.91 46.43 -19.39
N THR E 55 -26.74 46.93 -18.49
CA THR E 55 -26.95 48.37 -18.33
C THR E 55 -25.67 49.07 -17.90
N ASP E 56 -24.82 48.34 -17.18
CA ASP E 56 -23.56 48.90 -16.71
C ASP E 56 -22.35 48.49 -17.56
N GLY E 57 -22.61 48.08 -18.80
CA GLY E 57 -21.53 47.71 -19.69
C GLY E 57 -21.26 46.23 -19.88
N GLY E 58 -21.81 45.41 -19.00
CA GLY E 58 -21.60 43.96 -19.09
C GLY E 58 -20.13 43.55 -19.02
N THR E 59 -19.27 44.41 -18.50
CA THR E 59 -17.86 44.07 -18.40
C THR E 59 -17.58 43.10 -17.25
N THR E 60 -16.43 42.45 -17.32
CA THR E 60 -16.04 41.49 -16.31
C THR E 60 -14.74 41.86 -15.62
N ASP E 61 -14.60 41.46 -14.36
CA ASP E 61 -13.40 41.71 -13.57
C ASP E 61 -12.92 40.37 -13.04
N TYR E 62 -11.61 40.19 -12.92
CA TYR E 62 -11.08 38.92 -12.45
C TYR E 62 -10.02 39.08 -11.39
N ALA E 63 -10.02 38.16 -10.43
CA ALA E 63 -9.00 38.17 -9.39
C ALA E 63 -7.67 37.88 -10.09
N ALA E 64 -6.59 38.49 -9.60
CA ALA E 64 -5.28 38.29 -10.20
C ALA E 64 -4.93 36.80 -10.30
N SER E 65 -5.42 36.01 -9.36
CA SER E 65 -5.13 34.58 -9.35
C SER E 65 -5.78 33.72 -10.45
N VAL E 66 -6.72 34.30 -11.20
CA VAL E 66 -7.39 33.52 -12.24
C VAL E 66 -7.48 34.24 -13.60
N LYS E 67 -6.96 35.46 -13.70
CA LYS E 67 -7.04 36.20 -14.95
C LYS E 67 -6.27 35.50 -16.07
N GLY E 68 -6.88 35.42 -17.24
CA GLY E 68 -6.25 34.75 -18.36
C GLY E 68 -6.71 33.31 -18.52
N ARG E 69 -7.09 32.67 -17.42
CA ARG E 69 -7.53 31.28 -17.45
C ARG E 69 -9.04 31.11 -17.27
N PHE E 70 -9.67 32.03 -16.55
CA PHE E 70 -11.11 31.95 -16.30
C PHE E 70 -11.86 32.99 -17.10
N THR E 71 -13.12 32.69 -17.43
CA THR E 71 -13.95 33.62 -18.19
C THR E 71 -15.37 33.55 -17.68
N ILE E 72 -15.97 34.71 -17.41
CA ILE E 72 -17.33 34.75 -16.93
C ILE E 72 -18.21 35.34 -18.02
N SER E 73 -19.45 34.89 -18.09
CA SER E 73 -20.39 35.41 -19.08
C SER E 73 -21.80 35.18 -18.60
N ARG E 74 -22.75 35.89 -19.17
CA ARG E 74 -24.13 35.73 -18.75
C ARG E 74 -25.06 35.62 -19.93
N ASP E 75 -26.17 34.94 -19.70
CA ASP E 75 -27.18 34.78 -20.73
C ASP E 75 -28.47 35.19 -20.04
N ASP E 76 -28.72 36.50 -20.02
CA ASP E 76 -29.92 37.02 -19.37
C ASP E 76 -31.17 36.35 -19.92
N SER E 77 -31.06 35.87 -21.15
CA SER E 77 -32.15 35.20 -21.85
C SER E 77 -32.71 34.03 -21.05
N LYS E 78 -31.84 33.35 -20.30
CA LYS E 78 -32.30 32.21 -19.51
C LYS E 78 -31.80 32.18 -18.07
N ASN E 79 -31.66 33.37 -17.48
CA ASN E 79 -31.21 33.50 -16.08
C ASN E 79 -30.03 32.60 -15.79
N THR E 80 -28.99 32.67 -16.61
CA THR E 80 -27.84 31.82 -16.40
C THR E 80 -26.51 32.54 -16.42
N LEU E 81 -25.68 32.18 -15.46
CA LEU E 81 -24.33 32.74 -15.29
C LEU E 81 -23.36 31.60 -15.61
N TYR E 82 -22.27 31.92 -16.29
CA TYR E 82 -21.29 30.90 -16.67
C TYR E 82 -19.88 31.18 -16.19
N LEU E 83 -19.15 30.11 -15.92
CA LEU E 83 -17.77 30.21 -15.51
C LEU E 83 -16.98 29.16 -16.25
N GLN E 84 -16.22 29.58 -17.25
CA GLN E 84 -15.39 28.67 -18.05
C GLN E 84 -13.99 28.67 -17.44
N MET E 85 -13.53 27.52 -16.99
CA MET E 85 -12.22 27.40 -16.37
C MET E 85 -11.24 26.63 -17.25
N ASN E 86 -10.12 27.26 -17.60
CA ASN E 86 -9.12 26.60 -18.43
C ASN E 86 -7.81 26.53 -17.69
N SER E 87 -6.92 25.65 -18.13
CA SER E 87 -5.61 25.49 -17.49
C SER E 87 -5.75 25.39 -15.97
N LEU E 88 -6.65 24.53 -15.51
CA LEU E 88 -6.85 24.35 -14.09
C LEU E 88 -5.62 23.84 -13.35
N LYS E 89 -5.40 24.40 -12.16
CA LYS E 89 -4.28 24.01 -11.32
C LYS E 89 -4.88 23.38 -10.06
N THR E 90 -4.14 22.48 -9.41
CA THR E 90 -4.66 21.84 -8.20
C THR E 90 -5.08 22.91 -7.17
N GLU E 91 -4.41 24.06 -7.21
CA GLU E 91 -4.73 25.14 -6.28
C GLU E 91 -6.08 25.81 -6.60
N ASP E 92 -6.73 25.40 -7.69
CA ASP E 92 -8.04 25.94 -8.06
C ASP E 92 -9.13 25.07 -7.42
N THR E 93 -8.72 23.99 -6.75
CA THR E 93 -9.65 23.07 -6.10
C THR E 93 -10.44 23.78 -5.01
N ALA E 94 -11.76 23.78 -5.15
CA ALA E 94 -12.60 24.46 -4.17
C ALA E 94 -14.08 24.36 -4.49
N VAL E 95 -14.89 24.83 -3.54
CA VAL E 95 -16.32 24.89 -3.70
C VAL E 95 -16.58 26.23 -4.40
N TYR E 96 -17.27 26.20 -5.53
CA TYR E 96 -17.58 27.40 -6.28
C TYR E 96 -19.05 27.71 -6.14
N SER E 97 -19.35 28.98 -5.86
CA SER E 97 -20.74 29.41 -5.75
C SER E 97 -20.90 30.78 -6.40
N CYS E 98 -22.11 31.07 -6.83
CA CYS E 98 -22.43 32.36 -7.44
C CYS E 98 -23.17 33.19 -6.40
N THR E 99 -23.01 34.50 -6.48
CA THR E 99 -23.68 35.42 -5.57
C THR E 99 -24.07 36.64 -6.39
N THR E 100 -25.05 37.39 -5.91
CA THR E 100 -25.47 38.60 -6.59
C THR E 100 -25.08 39.76 -5.70
N ASP E 101 -24.83 40.91 -6.30
CA ASP E 101 -24.53 42.09 -5.51
C ASP E 101 -25.89 42.71 -5.24
N GLY E 102 -26.29 42.75 -3.98
CA GLY E 102 -27.57 43.35 -3.64
C GLY E 102 -27.26 44.71 -3.03
N PHE E 103 -28.25 45.30 -2.36
CA PHE E 103 -28.03 46.60 -1.76
C PHE E 103 -29.07 46.99 -0.74
N ILE E 104 -28.64 47.77 0.26
CA ILE E 104 -29.52 48.30 1.28
C ILE E 104 -29.55 49.79 0.91
N MET E 105 -30.73 50.33 0.71
CA MET E 105 -30.85 51.73 0.34
C MET E 105 -31.29 52.61 1.52
N ILE E 106 -30.59 53.71 1.71
CA ILE E 106 -30.89 54.65 2.78
C ILE E 106 -31.10 56.04 2.22
N ARG E 107 -32.20 56.69 2.60
CA ARG E 107 -32.49 58.05 2.12
C ARG E 107 -31.96 59.09 3.09
N GLY E 108 -30.92 59.79 2.67
CA GLY E 108 -30.33 60.81 3.51
C GLY E 108 -31.11 62.11 3.34
N VAL E 109 -30.64 63.18 3.96
CA VAL E 109 -31.33 64.45 3.87
C VAL E 109 -31.37 64.97 2.43
N SER E 110 -30.22 64.97 1.77
CA SER E 110 -30.13 65.47 0.40
C SER E 110 -29.81 64.40 -0.65
N GLU E 111 -29.19 63.32 -0.22
CA GLU E 111 -28.84 62.25 -1.15
C GLU E 111 -29.44 60.91 -0.80
N ASP E 112 -29.41 60.00 -1.77
CA ASP E 112 -29.90 58.64 -1.58
C ASP E 112 -28.68 57.74 -1.61
N TYR E 113 -28.46 57.01 -0.52
CA TYR E 113 -27.29 56.12 -0.44
C TYR E 113 -27.61 54.67 -0.72
N TYR E 114 -26.77 54.07 -1.57
CA TYR E 114 -26.92 52.67 -1.92
C TYR E 114 -25.69 51.93 -1.43
N TYR E 115 -25.88 51.04 -0.46
CA TYR E 115 -24.78 50.25 0.08
C TYR E 115 -24.85 48.85 -0.49
N TYR E 116 -23.82 48.46 -1.23
CA TYR E 116 -23.83 47.14 -1.82
C TYR E 116 -23.19 46.02 -0.99
N TYR E 117 -23.66 44.80 -1.24
CA TYR E 117 -23.15 43.62 -0.56
C TYR E 117 -23.55 42.35 -1.31
N MET E 118 -22.84 41.25 -1.08
CA MET E 118 -23.20 40.00 -1.72
C MET E 118 -24.50 39.58 -1.02
N ASP E 119 -25.59 39.65 -1.77
CA ASP E 119 -26.94 39.38 -1.28
C ASP E 119 -27.44 37.92 -1.37
N VAL E 120 -27.71 37.45 -2.59
CA VAL E 120 -28.16 36.08 -2.78
C VAL E 120 -26.95 35.19 -3.01
N TRP E 121 -26.92 34.02 -2.39
CA TRP E 121 -25.81 33.09 -2.54
C TRP E 121 -26.29 31.73 -2.99
N GLY E 122 -25.52 31.10 -3.88
CA GLY E 122 -25.88 29.77 -4.34
C GLY E 122 -25.26 28.75 -3.39
N LYS E 123 -25.72 27.51 -3.42
CA LYS E 123 -25.17 26.49 -2.54
C LYS E 123 -23.79 26.04 -3.01
N GLY E 124 -23.46 26.37 -4.26
CA GLY E 124 -22.15 25.99 -4.79
C GLY E 124 -22.09 24.65 -5.49
N THR E 125 -21.00 24.47 -6.24
CA THR E 125 -20.76 23.25 -6.98
C THR E 125 -19.28 22.94 -6.74
N THR E 126 -18.98 21.71 -6.40
CA THR E 126 -17.60 21.31 -6.10
C THR E 126 -16.73 21.04 -7.31
N VAL E 127 -15.56 21.68 -7.34
CA VAL E 127 -14.62 21.49 -8.44
C VAL E 127 -13.33 20.91 -7.88
N THR E 128 -13.02 19.68 -8.26
CA THR E 128 -11.80 19.05 -7.75
C THR E 128 -10.79 18.88 -8.87
N VAL E 129 -9.64 19.51 -8.71
CA VAL E 129 -8.59 19.41 -9.71
C VAL E 129 -7.50 18.50 -9.14
N SER E 130 -7.56 17.24 -9.54
CA SER E 130 -6.61 16.27 -9.04
C SER E 130 -6.33 15.18 -10.05
N SER E 131 -5.12 14.65 -9.99
CA SER E 131 -4.73 13.57 -10.88
C SER E 131 -5.19 12.26 -10.25
N ALA E 132 -5.70 12.34 -9.03
CA ALA E 132 -6.19 11.17 -8.31
C ALA E 132 -7.41 10.56 -8.99
N SER E 133 -7.55 9.25 -8.85
CA SER E 133 -8.68 8.51 -9.42
C SER E 133 -9.14 7.42 -8.46
N THR E 134 -10.27 6.79 -8.77
CA THR E 134 -10.83 5.75 -7.92
C THR E 134 -9.81 4.78 -7.33
N LYS E 135 -9.89 4.60 -6.02
CA LYS E 135 -8.96 3.71 -5.33
C LYS E 135 -9.49 3.23 -3.99
N GLY E 136 -9.34 1.95 -3.74
CA GLY E 136 -9.78 1.38 -2.49
C GLY E 136 -8.81 1.73 -1.38
N PRO E 137 -9.23 1.62 -0.12
CA PRO E 137 -8.33 1.97 0.97
C PRO E 137 -7.38 0.86 1.43
N SER E 138 -6.33 1.26 2.13
CA SER E 138 -5.40 0.33 2.73
C SER E 138 -5.88 0.38 4.16
N VAL E 139 -6.09 -0.76 4.79
CA VAL E 139 -6.57 -0.77 6.16
C VAL E 139 -5.48 -1.33 7.05
N PHE E 140 -5.08 -0.54 8.05
CA PHE E 140 -4.06 -0.94 9.01
C PHE E 140 -4.67 -0.92 10.39
N PRO E 141 -4.25 -1.86 11.25
CA PRO E 141 -4.78 -1.93 12.61
C PRO E 141 -4.13 -0.88 13.49
N LEU E 142 -4.89 -0.34 14.43
CA LEU E 142 -4.38 0.67 15.34
C LEU E 142 -4.46 0.07 16.74
N ALA E 143 -3.36 -0.50 17.20
CA ALA E 143 -3.34 -1.11 18.52
C ALA E 143 -2.66 -0.16 19.49
N PRO E 144 -3.12 -0.14 20.76
CA PRO E 144 -2.55 0.73 21.79
C PRO E 144 -1.06 0.53 21.92
N CYS E 145 -0.29 1.63 21.93
CA CYS E 145 1.15 1.54 22.05
C CYS E 145 1.57 0.79 23.31
N SER E 146 1.35 1.40 24.47
CA SER E 146 1.69 0.75 25.74
C SER E 146 0.73 -0.40 25.97
N ARG E 147 1.22 -1.49 26.56
CA ARG E 147 0.35 -2.64 26.81
C ARG E 147 -0.81 -2.16 27.67
N SER E 148 -1.95 -1.92 27.03
CA SER E 148 -3.13 -1.43 27.73
C SER E 148 -3.84 -2.48 28.59
N THR E 149 -3.62 -2.36 29.90
CA THR E 149 -4.23 -3.23 30.90
C THR E 149 -4.29 -2.42 32.20
N SER E 150 -3.49 -1.35 32.23
CA SER E 150 -3.40 -0.44 33.37
C SER E 150 -4.61 0.48 33.43
N GLY E 151 -4.95 1.08 32.30
CA GLY E 151 -6.10 1.97 32.24
C GLY E 151 -7.38 1.15 32.27
N GLY E 152 -8.48 1.76 32.71
CA GLY E 152 -9.74 1.04 32.78
C GLY E 152 -10.25 0.59 31.41
N THR E 153 -10.17 1.48 30.43
CA THR E 153 -10.63 1.19 29.09
C THR E 153 -9.48 1.20 28.09
N ALA E 154 -9.57 0.34 27.08
CA ALA E 154 -8.56 0.28 26.03
C ALA E 154 -9.14 0.78 24.72
N ALA E 155 -8.31 1.35 23.86
CA ALA E 155 -8.78 1.86 22.59
C ALA E 155 -8.14 1.07 21.46
N LEU E 156 -8.99 0.56 20.57
CA LEU E 156 -8.54 -0.21 19.42
C LEU E 156 -9.06 0.53 18.21
N GLY E 157 -8.40 0.38 17.06
CA GLY E 157 -8.89 1.07 15.90
C GLY E 157 -8.42 0.56 14.56
N CYS E 158 -8.90 1.25 13.52
CA CYS E 158 -8.54 0.94 12.16
C CYS E 158 -8.20 2.21 11.42
N LEU E 159 -7.07 2.17 10.72
CA LEU E 159 -6.63 3.30 9.91
C LEU E 159 -7.04 2.96 8.48
N VAL E 160 -7.94 3.75 7.93
CA VAL E 160 -8.42 3.57 6.57
C VAL E 160 -7.72 4.61 5.72
N LYS E 161 -6.56 4.24 5.18
CA LYS E 161 -5.74 5.13 4.37
C LYS E 161 -5.98 5.14 2.87
N ASP E 162 -5.49 6.23 2.28
CA ASP E 162 -5.49 6.51 0.84
C ASP E 162 -6.61 5.91 0.00
N TYR E 163 -7.81 6.46 0.10
CA TYR E 163 -8.90 5.97 -0.73
C TYR E 163 -9.49 7.15 -1.51
N PHE E 164 -10.35 6.86 -2.48
CA PHE E 164 -10.95 7.91 -3.27
C PHE E 164 -11.99 7.36 -4.22
N PRO E 165 -13.14 8.04 -4.33
CA PRO E 165 -13.41 9.28 -3.58
C PRO E 165 -14.16 8.86 -2.31
N GLU E 166 -14.86 9.80 -1.68
CA GLU E 166 -15.65 9.49 -0.49
C GLU E 166 -16.91 8.81 -1.02
N PRO E 167 -17.63 8.08 -0.17
CA PRO E 167 -17.32 7.87 1.24
C PRO E 167 -16.91 6.43 1.56
N VAL E 168 -16.41 6.26 2.78
CA VAL E 168 -16.00 4.96 3.30
C VAL E 168 -16.92 4.70 4.49
N THR E 169 -17.49 3.50 4.56
CA THR E 169 -18.35 3.11 5.66
C THR E 169 -17.59 2.13 6.54
N VAL E 170 -17.68 2.32 7.85
CA VAL E 170 -16.97 1.46 8.77
C VAL E 170 -17.90 0.96 9.86
N SER E 171 -17.86 -0.34 10.11
CA SER E 171 -18.67 -0.93 11.16
C SER E 171 -17.80 -1.93 11.93
N TRP E 172 -18.20 -2.28 13.14
CA TRP E 172 -17.46 -3.25 13.92
C TRP E 172 -18.28 -4.49 14.19
N ASN E 173 -17.67 -5.65 14.04
CA ASN E 173 -18.34 -6.92 14.25
C ASN E 173 -19.69 -6.92 13.57
N SER E 174 -19.67 -6.61 12.27
CA SER E 174 -20.84 -6.59 11.40
C SER E 174 -22.02 -5.76 11.90
N GLY E 175 -21.75 -4.79 12.76
CA GLY E 175 -22.84 -3.98 13.26
C GLY E 175 -23.28 -4.37 14.66
N ALA E 176 -22.83 -5.53 15.15
CA ALA E 176 -23.19 -5.98 16.48
C ALA E 176 -22.58 -5.10 17.58
N LEU E 177 -21.45 -4.46 17.27
CA LEU E 177 -20.78 -3.58 18.23
C LEU E 177 -21.05 -2.14 17.81
N THR E 178 -21.73 -1.40 18.68
CA THR E 178 -22.06 -0.02 18.35
C THR E 178 -21.76 0.93 19.50
N SER E 179 -21.68 0.38 20.71
CA SER E 179 -21.36 1.18 21.91
C SER E 179 -19.86 1.37 21.99
N GLY E 180 -19.43 2.60 22.27
CA GLY E 180 -18.01 2.89 22.38
C GLY E 180 -17.29 2.98 21.04
N VAL E 181 -18.04 3.29 19.98
CA VAL E 181 -17.48 3.39 18.65
C VAL E 181 -17.36 4.83 18.16
N HIS E 182 -16.21 5.18 17.62
CA HIS E 182 -15.99 6.53 17.12
C HIS E 182 -15.28 6.54 15.77
N THR E 183 -16.01 6.89 14.71
CA THR E 183 -15.40 6.95 13.40
C THR E 183 -15.21 8.44 13.09
N PHE E 184 -13.96 8.85 12.97
CA PHE E 184 -13.65 10.25 12.70
C PHE E 184 -13.78 10.67 11.24
N PRO E 185 -14.13 11.94 10.99
CA PRO E 185 -14.28 12.43 9.62
C PRO E 185 -12.94 12.29 8.89
N ALA E 186 -12.99 12.12 7.59
CA ALA E 186 -11.78 11.96 6.81
C ALA E 186 -10.97 13.24 6.66
N VAL E 187 -9.67 13.05 6.46
CA VAL E 187 -8.76 14.15 6.24
C VAL E 187 -8.40 14.09 4.74
N LEU E 188 -8.36 15.25 4.08
CA LEU E 188 -8.03 15.30 2.67
C LEU E 188 -6.53 15.53 2.50
N GLN E 189 -5.89 14.71 1.68
CA GLN E 189 -4.45 14.82 1.43
C GLN E 189 -4.14 15.57 0.15
N SER E 190 -2.89 16.00 0.02
CA SER E 190 -2.45 16.75 -1.17
C SER E 190 -2.67 15.92 -2.43
N SER E 191 -2.46 14.62 -2.31
CA SER E 191 -2.62 13.70 -3.44
C SER E 191 -4.06 13.69 -3.95
N GLY E 192 -4.99 14.06 -3.09
CA GLY E 192 -6.39 14.07 -3.46
C GLY E 192 -7.05 12.85 -2.82
N LEU E 193 -6.26 12.04 -2.14
CA LEU E 193 -6.79 10.84 -1.46
C LEU E 193 -7.17 11.12 -0.01
N TYR E 194 -8.21 10.42 0.46
CA TYR E 194 -8.66 10.61 1.83
C TYR E 194 -8.16 9.50 2.75
N SER E 195 -8.19 9.77 4.04
CA SER E 195 -7.80 8.82 5.07
C SER E 195 -8.57 9.14 6.33
N LEU E 196 -9.06 8.11 7.01
CA LEU E 196 -9.78 8.32 8.26
C LEU E 196 -9.43 7.24 9.26
N SER E 197 -9.89 7.39 10.49
CA SER E 197 -9.65 6.41 11.53
C SER E 197 -10.94 6.10 12.24
N SER E 198 -11.04 4.90 12.77
CA SER E 198 -12.20 4.49 13.53
C SER E 198 -11.67 3.77 14.77
N VAL E 199 -12.14 4.19 15.94
CA VAL E 199 -11.71 3.58 17.17
C VAL E 199 -12.88 3.17 18.01
N VAL E 200 -12.67 2.13 18.78
CA VAL E 200 -13.67 1.63 19.69
C VAL E 200 -12.94 1.48 21.03
N THR E 201 -13.61 1.86 22.11
CA THR E 201 -13.01 1.75 23.43
C THR E 201 -13.72 0.63 24.13
N VAL E 202 -12.94 -0.31 24.67
CA VAL E 202 -13.50 -1.45 25.37
C VAL E 202 -12.90 -1.53 26.77
N PRO E 203 -13.55 -2.28 27.67
CA PRO E 203 -13.00 -2.39 29.02
C PRO E 203 -11.64 -3.09 28.94
N SER E 204 -10.60 -2.44 29.45
CA SER E 204 -9.26 -3.01 29.42
C SER E 204 -9.31 -4.39 30.06
N SER E 205 -10.07 -4.49 31.14
CA SER E 205 -10.22 -5.74 31.88
C SER E 205 -10.99 -6.81 31.10
N SER E 206 -11.30 -6.54 29.84
CA SER E 206 -12.05 -7.51 29.04
C SER E 206 -11.28 -8.10 27.85
N LEU E 207 -10.25 -7.40 27.41
CA LEU E 207 -9.46 -7.87 26.26
C LEU E 207 -9.13 -9.35 26.38
N GLY E 208 -9.54 -10.12 25.37
CA GLY E 208 -9.30 -11.55 25.38
C GLY E 208 -10.59 -12.34 25.26
N THR E 209 -11.67 -11.80 25.82
CA THR E 209 -12.97 -12.44 25.77
C THR E 209 -13.46 -12.70 24.36
N GLN E 210 -13.42 -11.66 23.53
CA GLN E 210 -13.89 -11.75 22.16
C GLN E 210 -12.96 -11.11 21.16
N THR E 211 -13.46 -10.97 19.93
CA THR E 211 -12.68 -10.35 18.87
C THR E 211 -13.31 -9.06 18.35
N TYR E 212 -12.50 -8.22 17.71
CA TYR E 212 -12.93 -6.94 17.15
C TYR E 212 -12.49 -6.85 15.70
N THR E 213 -13.46 -6.91 14.81
CA THR E 213 -13.18 -6.85 13.40
C THR E 213 -13.79 -5.60 12.80
N CYS E 214 -12.98 -4.79 12.13
CA CYS E 214 -13.56 -3.61 11.51
C CYS E 214 -13.90 -3.96 10.06
N ASN E 215 -15.14 -3.70 9.69
CA ASN E 215 -15.63 -3.98 8.35
C ASN E 215 -15.61 -2.68 7.54
N VAL E 216 -14.65 -2.55 6.65
CA VAL E 216 -14.53 -1.36 5.84
C VAL E 216 -15.15 -1.58 4.46
N ASN E 217 -16.20 -0.82 4.19
CA ASN E 217 -16.90 -0.95 2.92
C ASN E 217 -16.68 0.33 2.12
N HIS E 218 -16.12 0.19 0.92
CA HIS E 218 -15.90 1.35 0.07
C HIS E 218 -16.64 1.13 -1.26
N LYS E 219 -17.94 1.41 -1.27
CA LYS E 219 -18.76 1.24 -2.48
C LYS E 219 -18.19 1.80 -3.78
N PRO E 220 -17.73 3.06 -3.79
CA PRO E 220 -17.19 3.63 -5.03
C PRO E 220 -16.23 2.76 -5.83
N SER E 221 -15.46 1.92 -5.15
CA SER E 221 -14.53 1.04 -5.85
C SER E 221 -14.88 -0.42 -5.63
N ASN E 222 -16.06 -0.66 -5.06
CA ASN E 222 -16.50 -2.02 -4.78
C ASN E 222 -15.44 -2.79 -4.04
N THR E 223 -14.99 -2.23 -2.91
CA THR E 223 -13.99 -2.89 -2.11
C THR E 223 -14.51 -3.10 -0.71
N LYS E 224 -14.42 -4.32 -0.23
CA LYS E 224 -14.81 -4.61 1.12
C LYS E 224 -13.60 -5.22 1.82
N VAL E 225 -13.26 -4.69 2.99
CA VAL E 225 -12.13 -5.19 3.76
C VAL E 225 -12.56 -5.47 5.20
N ASP E 226 -12.29 -6.68 5.69
CA ASP E 226 -12.59 -7.03 7.08
C ASP E 226 -11.26 -7.30 7.72
N LYS E 227 -10.93 -6.54 8.76
CA LYS E 227 -9.66 -6.70 9.44
C LYS E 227 -9.82 -6.84 10.95
N ARG E 228 -9.36 -7.96 11.50
CA ARG E 228 -9.42 -8.16 12.95
C ARG E 228 -8.24 -7.45 13.61
N VAL E 229 -8.52 -6.67 14.63
CA VAL E 229 -7.48 -5.92 15.35
C VAL E 229 -7.17 -6.67 16.66
N GLU E 230 -5.88 -6.84 16.97
CA GLU E 230 -5.54 -7.60 18.17
C GLU E 230 -4.44 -7.01 19.04
N LEU E 231 -4.38 -7.50 20.28
CA LEU E 231 -3.39 -7.09 21.28
C LEU E 231 -3.94 -7.43 22.65
N LYS F 2 -30.15 62.38 -7.37
CA LYS F 2 -28.80 62.29 -6.80
C LYS F 2 -28.64 60.94 -6.01
N ARG F 3 -27.70 60.07 -6.46
CA ARG F 3 -27.44 58.75 -5.81
C ARG F 3 -25.90 58.55 -5.48
N ILE F 4 -25.58 58.38 -4.11
CA ILE F 4 -24.19 57.92 -3.56
C ILE F 4 -24.11 56.39 -3.57
N HIS F 5 -23.04 55.86 -4.14
CA HIS F 5 -22.84 54.42 -4.22
C HIS F 5 -21.64 53.94 -3.43
N ILE F 6 -21.87 53.06 -2.47
CA ILE F 6 -20.79 52.54 -1.64
C ILE F 6 -20.55 51.05 -1.96
N GLY F 7 -19.55 50.79 -2.80
CA GLY F 7 -19.24 49.42 -3.17
C GLY F 7 -18.17 49.26 -4.24
N PRO F 8 -17.58 48.07 -4.36
CA PRO F 8 -16.52 47.79 -5.34
C PRO F 8 -17.12 47.71 -6.80
N GLY F 9 -16.62 48.55 -7.74
CA GLY F 9 -17.08 48.50 -9.14
C GLY F 9 -18.12 49.60 -9.42
N ARG F 10 -18.40 50.43 -8.41
CA ARG F 10 -19.47 51.46 -8.48
C ARG F 10 -18.85 52.91 -8.54
N ALA F 11 -19.64 53.90 -9.07
CA ALA F 11 -19.16 55.32 -9.30
C ALA F 11 -19.04 56.08 -7.97
#